data_6GMG
#
_entry.id   6GMG
#
_cell.length_a   60.525
_cell.length_b   85.492
_cell.length_c   78.793
_cell.angle_alpha   90.000
_cell.angle_beta   111.620
_cell.angle_gamma   90.000
#
_symmetry.space_group_name_H-M   'P 1 21 1'
#
loop_
_entity.id
_entity.type
_entity.pdbx_description
1 polymer 'PROTEIN-GLUTAMINE GAMMA-GLUTAMYLTRANSFERASE'
2 polymer 'Papain inhibitor'
3 non-polymer 'CITRATE ANION'
4 non-polymer DI(HYDROXYETHYL)ETHER
5 water water
#
loop_
_entity_poly.entity_id
_entity_poly.type
_entity_poly.pdbx_seq_one_letter_code
_entity_poly.pdbx_strand_id
1 'polypeptide(L)'
;DSDDRVTPPAEPLDRMPDPYRPSYGRAETVVNNYIRKWQQVYSHRDGRKQQMTEEQREWLSYGCVGVTWVNSGQYPTNRL
AFASFDEDRFKNELKNGRPRSGETRAEFEGRVAKESFDEEKGFQRAREVASVMNRALENAHDESAYLDNLKKELANGNDA
LRNEDARSPFYSALRNTPSFKERNGGNHDPSRMKAVIYSKHFWSGQDRSSSADKRKYGDPDAFRPAPGTGLVDMSRDRNI
PRSPTSPGEGFVNFDYGWFGAQTEADADKTVWTHGNHYHAPNGSLGAMHVYESKFRNWSEGYSDFDRGAYVITFIPKSWN
TAPDKVKQGWP
;
A,B
2 'polypeptide(L)' DIPIG(OAS)KMT C,D
#
# COMPACT_ATOMS: atom_id res chain seq x y z
N ASP A 1 -10.43 43.14 -4.95
CA ASP A 1 -9.00 42.91 -4.99
C ASP A 1 -8.67 41.47 -4.67
N SER A 2 -9.57 40.81 -3.96
CA SER A 2 -9.32 39.46 -3.46
C SER A 2 -9.07 38.49 -4.60
N ASP A 3 -7.88 37.87 -4.59
CA ASP A 3 -7.62 36.68 -5.40
C ASP A 3 -8.19 35.42 -4.76
N ASP A 4 -9.29 35.55 -4.04
CA ASP A 4 -9.96 34.40 -3.44
C ASP A 4 -10.57 33.51 -4.51
N ARG A 5 -10.68 32.23 -4.20
CA ARG A 5 -11.32 31.28 -5.11
C ARG A 5 -12.83 31.42 -5.02
N VAL A 6 -13.48 31.63 -6.17
CA VAL A 6 -14.93 31.72 -6.23
C VAL A 6 -15.47 30.53 -7.02
N THR A 7 -16.67 30.11 -6.68
CA THR A 7 -17.35 29.04 -7.39
C THR A 7 -18.13 29.61 -8.56
N PRO A 8 -17.93 29.10 -9.78
CA PRO A 8 -18.68 29.61 -10.93
C PRO A 8 -20.17 29.42 -10.73
N PRO A 9 -20.98 30.37 -11.19
CA PRO A 9 -22.43 30.26 -10.98
C PRO A 9 -23.03 29.12 -11.77
N ALA A 10 -24.27 28.79 -11.42
CA ALA A 10 -24.98 27.69 -12.07
C ALA A 10 -25.39 28.10 -13.48
N GLU A 11 -25.19 27.18 -14.43
CA GLU A 11 -25.57 27.44 -15.81
C GLU A 11 -26.83 26.66 -16.15
N PRO A 12 -27.86 27.32 -16.69
CA PRO A 12 -29.09 26.60 -17.07
C PRO A 12 -28.80 25.46 -18.03
N LEU A 13 -29.59 24.39 -17.91
CA LEU A 13 -29.34 23.18 -18.67
C LEU A 13 -29.52 23.39 -20.17
N ASP A 14 -30.26 24.41 -20.59
CA ASP A 14 -30.48 24.67 -22.01
C ASP A 14 -29.47 25.65 -22.60
N ARG A 15 -28.63 26.27 -21.77
CA ARG A 15 -27.70 27.29 -22.25
C ARG A 15 -26.55 26.64 -23.00
N MET A 16 -26.41 26.97 -24.28
CA MET A 16 -25.35 26.41 -25.10
C MET A 16 -24.06 27.21 -24.91
N PRO A 17 -22.91 26.54 -25.01
CA PRO A 17 -21.64 27.24 -24.82
C PRO A 17 -21.29 28.11 -26.02
N ASP A 18 -20.44 29.10 -25.75
CA ASP A 18 -19.90 29.92 -26.83
C ASP A 18 -18.89 29.11 -27.64
N PRO A 19 -18.81 29.35 -28.95
CA PRO A 19 -17.94 28.54 -29.79
C PRO A 19 -16.47 28.85 -29.56
N TYR A 20 -15.63 27.82 -29.72
CA TYR A 20 -14.19 27.96 -29.64
C TYR A 20 -13.55 26.77 -30.34
N ARG A 21 -12.31 26.94 -30.76
CA ARG A 21 -11.62 25.96 -31.59
C ARG A 21 -10.18 25.77 -31.11
N PRO A 22 -9.60 24.61 -31.36
CA PRO A 22 -8.19 24.42 -31.00
C PRO A 22 -7.26 25.17 -31.93
N SER A 23 -6.11 25.58 -31.39
CA SER A 23 -5.06 26.25 -32.15
C SER A 23 -3.76 25.52 -31.87
N TYR A 24 -3.21 24.89 -32.92
CA TYR A 24 -1.97 24.12 -32.81
C TYR A 24 -2.06 23.02 -31.76
N GLY A 25 -3.20 22.34 -31.73
CA GLY A 25 -3.39 21.16 -30.91
C GLY A 25 -4.07 21.37 -29.57
N ARG A 26 -4.41 22.61 -29.22
CA ARG A 26 -4.98 22.88 -27.90
C ARG A 26 -6.08 23.92 -28.01
N ALA A 27 -7.21 23.66 -27.36
CA ALA A 27 -8.31 24.60 -27.24
C ALA A 27 -8.49 24.99 -25.79
N GLU A 28 -8.99 26.21 -25.57
CA GLU A 28 -9.24 26.71 -24.24
C GLU A 28 -10.53 27.51 -24.22
N THR A 29 -11.19 27.52 -23.06
CA THR A 29 -12.38 28.33 -22.85
C THR A 29 -12.52 28.63 -21.37
N VAL A 30 -13.15 29.76 -21.06
CA VAL A 30 -13.35 30.13 -19.67
C VAL A 30 -14.23 29.07 -18.99
N VAL A 31 -14.00 28.87 -17.69
CA VAL A 31 -14.62 27.76 -16.99
C VAL A 31 -16.14 27.87 -17.00
N ASN A 32 -16.66 29.10 -17.00
CA ASN A 32 -18.11 29.28 -17.09
C ASN A 32 -18.65 28.70 -18.40
N ASN A 33 -17.88 28.83 -19.48
CA ASN A 33 -18.32 28.31 -20.77
C ASN A 33 -18.14 26.79 -20.84
N TYR A 34 -17.05 26.27 -20.28
CA TYR A 34 -16.84 24.83 -20.30
C TYR A 34 -17.90 24.09 -19.50
N ILE A 35 -18.44 24.73 -18.45
CA ILE A 35 -19.56 24.14 -17.73
C ILE A 35 -20.74 23.92 -18.66
N ARG A 36 -20.99 24.88 -19.57
CA ARG A 36 -22.05 24.71 -20.54
C ARG A 36 -21.78 23.53 -21.47
N LYS A 37 -20.54 23.40 -21.95
CA LYS A 37 -20.21 22.25 -22.79
C LYS A 37 -20.29 20.94 -22.01
N TRP A 38 -19.77 20.94 -20.78
CA TRP A 38 -19.82 19.75 -19.94
C TRP A 38 -21.26 19.29 -19.72
N GLN A 39 -22.17 20.24 -19.50
CA GLN A 39 -23.57 19.89 -19.27
C GLN A 39 -24.23 19.33 -20.52
N GLN A 40 -23.72 19.65 -21.70
CA GLN A 40 -24.33 19.17 -22.94
C GLN A 40 -23.85 17.78 -23.34
N VAL A 41 -22.58 17.45 -23.10
CA VAL A 41 -21.99 16.24 -23.63
C VAL A 41 -21.40 15.33 -22.56
N TYR A 42 -21.25 15.78 -21.31
CA TYR A 42 -20.60 14.97 -20.28
C TYR A 42 -21.45 14.70 -19.05
N SER A 43 -22.60 15.34 -18.91
CA SER A 43 -23.36 15.32 -17.66
C SER A 43 -24.36 14.18 -17.56
N HIS A 44 -24.47 13.34 -18.58
CA HIS A 44 -25.58 12.39 -18.64
C HIS A 44 -25.49 11.35 -17.53
N ARG A 45 -26.62 11.13 -16.85
CA ARG A 45 -26.79 10.01 -15.93
C ARG A 45 -27.89 9.14 -16.52
N ASP A 46 -27.49 7.95 -17.01
CA ASP A 46 -28.41 7.05 -17.72
C ASP A 46 -29.02 7.75 -18.93
N GLY A 47 -28.22 8.54 -19.63
CA GLY A 47 -28.67 9.24 -20.82
C GLY A 47 -29.49 10.49 -20.58
N ARG A 48 -29.60 10.95 -19.34
CA ARG A 48 -30.37 12.14 -19.00
C ARG A 48 -29.42 13.26 -18.61
N LYS A 49 -29.45 14.35 -19.37
CA LYS A 49 -28.58 15.49 -19.09
C LYS A 49 -28.86 16.05 -17.71
N GLN A 50 -27.79 16.52 -17.06
CA GLN A 50 -27.90 17.08 -15.72
C GLN A 50 -27.19 18.44 -15.66
N GLN A 51 -27.64 19.27 -14.74
CA GLN A 51 -26.93 20.49 -14.41
C GLN A 51 -25.75 20.17 -13.50
N MET A 52 -24.62 20.83 -13.73
CA MET A 52 -23.48 20.66 -12.84
C MET A 52 -23.84 21.22 -11.47
N THR A 53 -23.76 20.37 -10.44
CA THR A 53 -24.22 20.74 -9.12
C THR A 53 -23.34 21.82 -8.51
N GLU A 54 -23.85 22.42 -7.43
CA GLU A 54 -23.05 23.39 -6.69
C GLU A 54 -21.75 22.78 -6.18
N GLU A 55 -21.80 21.52 -5.74
CA GLU A 55 -20.61 20.85 -5.24
C GLU A 55 -19.60 20.60 -6.37
N GLN A 56 -20.08 20.09 -7.51
CA GLN A 56 -19.18 19.86 -8.64
C GLN A 56 -18.56 21.16 -9.12
N ARG A 57 -19.36 22.22 -9.21
CA ARG A 57 -18.82 23.52 -9.60
C ARG A 57 -17.77 24.01 -8.61
N GLU A 58 -17.93 23.69 -7.33
CA GLU A 58 -16.91 24.04 -6.34
C GLU A 58 -15.64 23.24 -6.56
N TRP A 59 -15.77 21.93 -6.77
CA TRP A 59 -14.61 21.10 -7.08
C TRP A 59 -13.87 21.60 -8.30
N LEU A 60 -14.61 21.88 -9.37
CA LEU A 60 -14.00 22.30 -10.63
C LEU A 60 -13.19 23.59 -10.47
N SER A 61 -13.63 24.49 -9.58
CA SER A 61 -13.00 25.80 -9.46
C SER A 61 -11.62 25.77 -8.85
N TYR A 62 -11.11 24.60 -8.43
CA TYR A 62 -9.80 24.53 -7.81
C TYR A 62 -8.66 24.45 -8.82
N GLY A 63 -8.96 24.41 -10.11
CA GLY A 63 -7.91 24.41 -11.12
C GLY A 63 -7.80 23.11 -11.89
N CYS A 64 -6.57 22.71 -12.21
CA CYS A 64 -6.35 21.51 -13.00
C CYS A 64 -6.90 20.27 -12.31
N VAL A 65 -6.89 20.24 -10.98
CA VAL A 65 -7.45 19.10 -10.26
C VAL A 65 -8.96 19.07 -10.36
N GLY A 66 -9.59 20.19 -10.73
CA GLY A 66 -11.05 20.25 -10.70
C GLY A 66 -11.70 19.40 -11.78
N VAL A 67 -11.13 19.38 -12.97
CA VAL A 67 -11.70 18.60 -14.06
C VAL A 67 -11.72 17.11 -13.70
N THR A 68 -10.57 16.60 -13.23
CA THR A 68 -10.51 15.19 -12.84
C THR A 68 -11.37 14.92 -11.61
N TRP A 69 -11.39 15.85 -10.66
CA TRP A 69 -12.24 15.71 -9.48
C TRP A 69 -13.70 15.56 -9.87
N VAL A 70 -14.18 16.39 -10.79
CA VAL A 70 -15.58 16.36 -11.17
C VAL A 70 -15.90 15.10 -11.98
N ASN A 71 -15.04 14.76 -12.93
CA ASN A 71 -15.34 13.67 -13.85
C ASN A 71 -15.27 12.31 -13.15
N SER A 72 -14.43 12.16 -12.14
CA SER A 72 -14.30 10.91 -11.41
C SER A 72 -15.10 10.89 -10.11
N GLY A 73 -15.64 12.03 -9.69
CA GLY A 73 -16.39 12.09 -8.45
C GLY A 73 -15.58 11.98 -7.19
N GLN A 74 -14.25 12.01 -7.29
CA GLN A 74 -13.39 11.86 -6.13
C GLN A 74 -12.12 12.67 -6.35
N TYR A 75 -11.62 13.28 -5.28
CA TYR A 75 -10.31 13.92 -5.35
C TYR A 75 -9.26 12.86 -5.69
N PRO A 76 -8.42 13.10 -6.70
CA PRO A 76 -7.53 12.04 -7.19
C PRO A 76 -6.56 11.57 -6.11
N THR A 77 -6.48 10.24 -5.95
CA THR A 77 -5.57 9.63 -5.00
C THR A 77 -4.25 9.21 -5.65
N ASN A 78 -4.28 8.88 -6.95
CA ASN A 78 -3.10 8.44 -7.69
C ASN A 78 -2.53 7.14 -7.13
N ARG A 79 -3.39 6.32 -6.52
CA ARG A 79 -2.92 5.09 -5.88
C ARG A 79 -2.39 4.09 -6.89
N LEU A 80 -3.15 3.86 -7.97
CA LEU A 80 -2.76 2.94 -9.04
C LEU A 80 -2.21 3.75 -10.20
N ALA A 81 -0.89 3.69 -10.40
CA ALA A 81 -0.22 4.56 -11.37
C ALA A 81 0.80 3.77 -12.18
N PHE A 82 0.94 4.13 -13.45
CA PHE A 82 1.84 3.47 -14.37
C PHE A 82 2.72 4.48 -15.08
N ALA A 83 3.89 4.03 -15.53
CA ALA A 83 4.79 4.83 -16.34
C ALA A 83 5.80 3.92 -17.01
N SER A 84 6.44 4.44 -18.05
CA SER A 84 7.48 3.73 -18.80
C SER A 84 8.79 4.48 -18.65
N PHE A 85 9.87 3.72 -18.40
CA PHE A 85 11.18 4.29 -18.15
C PHE A 85 12.23 3.39 -18.78
N ASP A 86 13.05 3.96 -19.66
CA ASP A 86 14.11 3.21 -20.33
C ASP A 86 15.31 3.16 -19.41
N GLU A 87 15.45 2.05 -18.67
CA GLU A 87 16.56 1.91 -17.73
C GLU A 87 17.89 1.86 -18.46
N ASP A 88 17.92 1.24 -19.64
CA ASP A 88 19.17 1.12 -20.38
C ASP A 88 19.63 2.47 -20.92
N ARG A 89 18.69 3.29 -21.42
CA ARG A 89 19.06 4.62 -21.89
C ARG A 89 19.54 5.49 -20.74
N PHE A 90 18.88 5.38 -19.58
CA PHE A 90 19.27 6.18 -18.43
C PHE A 90 20.67 5.80 -17.94
N LYS A 91 20.94 4.49 -17.83
CA LYS A 91 22.26 4.05 -17.39
C LYS A 91 23.33 4.38 -18.42
N ASN A 92 23.01 4.25 -19.71
CA ASN A 92 24.00 4.52 -20.75
C ASN A 92 24.33 6.00 -20.81
N GLU A 93 23.31 6.85 -20.89
CA GLU A 93 23.55 8.30 -20.99
C GLU A 93 24.22 8.85 -19.74
N LEU A 94 24.09 8.19 -18.60
CA LEU A 94 24.83 8.61 -17.41
C LEU A 94 26.31 8.28 -17.55
N LYS A 95 26.63 7.06 -17.98
CA LYS A 95 28.00 6.59 -18.08
C LYS A 95 28.63 6.84 -19.45
N ASN A 96 27.97 7.61 -20.31
CA ASN A 96 28.54 7.93 -21.61
C ASN A 96 28.39 9.41 -21.92
N GLY A 97 27.33 10.04 -21.42
CA GLY A 97 27.11 11.45 -21.62
C GLY A 97 27.92 12.30 -20.67
N ARG A 98 27.76 13.61 -20.82
CA ARG A 98 28.44 14.58 -19.97
C ARG A 98 27.53 15.78 -19.80
N PRO A 99 27.61 16.48 -18.65
CA PRO A 99 26.77 17.66 -18.46
C PRO A 99 27.06 18.71 -19.51
N ARG A 100 26.00 19.40 -19.94
CA ARG A 100 26.12 20.41 -20.98
C ARG A 100 26.71 21.69 -20.39
N SER A 101 26.85 22.71 -21.25
CA SER A 101 27.44 23.97 -20.84
C SER A 101 26.55 24.69 -19.84
N GLY A 102 26.82 24.51 -18.55
CA GLY A 102 26.05 25.15 -17.51
C GLY A 102 25.13 24.22 -16.76
N GLU A 103 25.67 23.09 -16.29
CA GLU A 103 24.87 22.10 -15.59
C GLU A 103 25.69 21.44 -14.50
N THR A 104 25.13 21.41 -13.29
CA THR A 104 25.68 20.59 -12.22
C THR A 104 25.38 19.12 -12.51
N ARG A 105 26.28 18.24 -12.03
CA ARG A 105 26.04 16.81 -12.21
C ARG A 105 24.72 16.38 -11.59
N ALA A 106 24.26 17.10 -10.56
CA ALA A 106 22.92 16.84 -10.03
C ALA A 106 21.84 17.33 -10.98
N GLU A 107 22.11 18.38 -11.74
CA GLU A 107 21.17 18.85 -12.75
C GLU A 107 21.19 17.95 -13.98
N PHE A 108 22.39 17.49 -14.37
CA PHE A 108 22.50 16.59 -15.52
C PHE A 108 21.80 15.27 -15.24
N GLU A 109 22.05 14.69 -14.06
CA GLU A 109 21.39 13.43 -13.71
C GLU A 109 19.88 13.61 -13.61
N GLY A 110 19.43 14.73 -13.06
CA GLY A 110 18.00 14.97 -12.96
C GLY A 110 17.33 15.07 -14.32
N ARG A 111 17.99 15.74 -15.28
CA ARG A 111 17.41 15.89 -16.60
C ARG A 111 17.41 14.57 -17.37
N VAL A 112 18.50 13.82 -17.30
CA VAL A 112 18.57 12.54 -18.01
C VAL A 112 17.51 11.59 -17.50
N ALA A 113 17.30 11.56 -16.18
CA ALA A 113 16.21 10.75 -15.63
C ALA A 113 14.87 11.21 -16.15
N LYS A 114 14.70 12.53 -16.31
CA LYS A 114 13.45 13.07 -16.84
C LYS A 114 13.22 12.64 -18.28
N GLU A 115 14.24 12.76 -19.12
CA GLU A 115 14.13 12.44 -20.54
C GLU A 115 14.12 10.94 -20.81
N SER A 116 14.38 10.11 -19.80
CA SER A 116 14.33 8.67 -19.99
C SER A 116 12.92 8.11 -19.88
N PHE A 117 11.99 8.86 -19.31
CA PHE A 117 10.59 8.45 -19.31
C PHE A 117 10.01 8.55 -20.72
N ASP A 118 9.06 7.66 -20.99
CA ASP A 118 8.31 7.65 -22.25
C ASP A 118 6.83 7.76 -21.88
N GLU A 119 6.26 8.96 -22.06
CA GLU A 119 4.87 9.17 -21.68
C GLU A 119 3.89 8.49 -22.63
N GLU A 120 4.30 8.23 -23.88
CA GLU A 120 3.44 7.49 -24.79
C GLU A 120 3.29 6.05 -24.35
N LYS A 121 4.41 5.36 -24.10
CA LYS A 121 4.36 3.99 -23.62
C LYS A 121 3.74 3.91 -22.23
N GLY A 122 3.93 4.94 -21.40
CA GLY A 122 3.30 4.95 -20.09
C GLY A 122 1.79 5.03 -20.19
N PHE A 123 1.28 5.92 -21.05
CA PHE A 123 -0.15 5.96 -21.31
C PHE A 123 -0.63 4.68 -22.00
N GLN A 124 0.21 4.10 -22.86
CA GLN A 124 -0.16 2.86 -23.54
C GLN A 124 -0.26 1.71 -22.54
N ARG A 125 0.63 1.66 -21.55
CA ARG A 125 0.55 0.63 -20.53
C ARG A 125 -0.73 0.74 -19.72
N ALA A 126 -1.04 1.96 -19.27
CA ALA A 126 -2.30 2.18 -18.54
C ALA A 126 -3.51 1.87 -19.40
N ARG A 127 -3.38 2.01 -20.72
CA ARG A 127 -4.47 1.65 -21.62
C ARG A 127 -4.72 0.14 -21.58
N GLU A 128 -3.67 -0.65 -21.76
CA GLU A 128 -3.84 -2.10 -21.82
C GLU A 128 -4.27 -2.70 -20.49
N VAL A 129 -3.79 -2.13 -19.38
CA VAL A 129 -4.21 -2.62 -18.06
C VAL A 129 -5.67 -2.28 -17.81
N ALA A 130 -6.10 -1.07 -18.17
CA ALA A 130 -7.50 -0.69 -18.00
C ALA A 130 -8.42 -1.54 -18.87
N SER A 131 -7.94 -1.98 -20.04
CA SER A 131 -8.75 -2.86 -20.87
C SER A 131 -8.91 -4.24 -20.23
N VAL A 132 -7.84 -4.75 -19.61
CA VAL A 132 -7.94 -6.02 -18.91
C VAL A 132 -8.92 -5.93 -17.75
N MET A 133 -8.90 -4.80 -17.03
CA MET A 133 -9.81 -4.63 -15.89
C MET A 133 -11.26 -4.52 -16.36
N ASN A 134 -11.50 -3.86 -17.50
CA ASN A 134 -12.87 -3.74 -18.00
C ASN A 134 -13.40 -5.09 -18.45
N ARG A 135 -12.57 -5.90 -19.13
CA ARG A 135 -13.00 -7.24 -19.51
C ARG A 135 -13.25 -8.12 -18.29
N ALA A 136 -12.50 -7.90 -17.22
CA ALA A 136 -12.68 -8.70 -16.00
C ALA A 136 -14.01 -8.40 -15.32
N LEU A 137 -14.47 -7.15 -15.38
CA LEU A 137 -15.69 -6.76 -14.69
C LEU A 137 -16.93 -6.83 -15.56
N GLU A 138 -16.79 -7.21 -16.84
CA GLU A 138 -17.91 -7.13 -17.77
C GLU A 138 -19.12 -7.92 -17.27
N ASN A 139 -18.93 -9.22 -17.03
CA ASN A 139 -20.01 -10.08 -16.56
C ASN A 139 -19.84 -10.52 -15.12
N ALA A 140 -18.94 -9.89 -14.37
CA ALA A 140 -18.74 -10.18 -12.95
C ALA A 140 -19.69 -9.32 -12.14
N HIS A 141 -20.53 -9.96 -11.33
CA HIS A 141 -21.53 -9.26 -10.54
C HIS A 141 -21.16 -9.15 -9.07
N ASP A 142 -20.03 -9.70 -8.67
CA ASP A 142 -19.45 -9.48 -7.34
C ASP A 142 -17.96 -9.30 -7.50
N GLU A 143 -17.33 -8.71 -6.48
CA GLU A 143 -15.91 -8.42 -6.56
C GLU A 143 -15.09 -9.69 -6.70
N SER A 144 -15.50 -10.77 -6.01
CA SER A 144 -14.78 -12.04 -6.09
C SER A 144 -14.67 -12.52 -7.53
N ALA A 145 -15.77 -12.45 -8.29
CA ALA A 145 -15.73 -12.85 -9.69
C ALA A 145 -14.83 -11.93 -10.50
N TYR A 146 -14.84 -10.63 -10.20
CA TYR A 146 -13.99 -9.68 -10.91
C TYR A 146 -12.51 -10.01 -10.68
N LEU A 147 -12.13 -10.24 -9.42
CA LEU A 147 -10.75 -10.58 -9.12
C LEU A 147 -10.34 -11.90 -9.76
N ASP A 148 -11.27 -12.87 -9.79
CA ASP A 148 -10.96 -14.13 -10.46
C ASP A 148 -10.81 -13.94 -11.96
N ASN A 149 -11.68 -13.14 -12.57
CA ASN A 149 -11.55 -12.86 -14.00
C ASN A 149 -10.27 -12.07 -14.29
N LEU A 150 -9.93 -11.12 -13.41
CA LEU A 150 -8.75 -10.29 -13.63
C LEU A 150 -7.47 -11.12 -13.54
N LYS A 151 -7.34 -11.94 -12.50
CA LYS A 151 -6.15 -12.76 -12.36
C LYS A 151 -6.03 -13.79 -13.48
N LYS A 152 -7.17 -14.29 -13.96
CA LYS A 152 -7.14 -15.31 -15.01
C LYS A 152 -6.49 -14.78 -16.29
N GLU A 153 -6.90 -13.59 -16.72
CA GLU A 153 -6.35 -13.05 -17.97
C GLU A 153 -4.92 -12.55 -17.79
N LEU A 154 -4.58 -12.04 -16.61
CA LEU A 154 -3.21 -11.62 -16.37
C LEU A 154 -2.26 -12.80 -16.38
N ALA A 155 -2.67 -13.93 -15.78
CA ALA A 155 -1.83 -15.12 -15.77
C ALA A 155 -1.68 -15.69 -17.17
N ASN A 156 -2.78 -15.80 -17.91
CA ASN A 156 -2.71 -16.31 -19.28
C ASN A 156 -1.94 -15.36 -20.19
N GLY A 157 -2.00 -14.06 -19.92
CA GLY A 157 -1.20 -13.10 -20.63
C GLY A 157 0.22 -12.97 -20.14
N ASN A 158 0.58 -13.72 -19.10
CA ASN A 158 1.93 -13.67 -18.50
C ASN A 158 2.28 -12.26 -18.05
N ASP A 159 1.28 -11.54 -17.55
CA ASP A 159 1.50 -10.19 -17.03
C ASP A 159 2.01 -10.28 -15.60
N ALA A 160 3.09 -9.56 -15.32
CA ALA A 160 3.66 -9.57 -13.97
C ALA A 160 2.70 -8.98 -12.94
N LEU A 161 1.66 -8.28 -13.39
CA LEU A 161 0.66 -7.74 -12.46
C LEU A 161 -0.08 -8.84 -11.72
N ARG A 162 -0.07 -10.07 -12.23
CA ARG A 162 -0.76 -11.17 -11.56
C ARG A 162 -0.21 -11.40 -10.16
N ASN A 163 1.09 -11.15 -9.96
CA ASN A 163 1.76 -11.43 -8.69
C ASN A 163 1.64 -10.27 -7.70
N GLU A 164 0.85 -9.25 -8.02
CA GLU A 164 0.62 -8.18 -7.07
C GLU A 164 -0.10 -8.70 -5.84
N ASP A 165 0.16 -8.09 -4.69
CA ASP A 165 -0.45 -8.52 -3.45
C ASP A 165 -1.96 -8.30 -3.50
N ALA A 166 -2.69 -9.14 -2.76
CA ALA A 166 -4.15 -9.06 -2.75
C ALA A 166 -4.64 -7.72 -2.26
N ARG A 167 -3.84 -7.03 -1.44
CA ARG A 167 -4.20 -5.72 -0.91
C ARG A 167 -3.42 -4.59 -1.56
N SER A 168 -2.73 -4.86 -2.66
CA SER A 168 -1.99 -3.84 -3.38
C SER A 168 -2.96 -2.81 -3.98
N PRO A 169 -2.44 -1.62 -4.33
CA PRO A 169 -3.30 -0.64 -5.01
C PRO A 169 -3.92 -1.17 -6.30
N PHE A 170 -3.28 -2.13 -6.95
CA PHE A 170 -3.82 -2.66 -8.21
C PHE A 170 -5.05 -3.51 -7.96
N TYR A 171 -4.94 -4.53 -7.09
CA TYR A 171 -6.05 -5.44 -6.89
C TYR A 171 -7.17 -4.80 -6.06
N SER A 172 -6.85 -3.82 -5.23
CA SER A 172 -7.84 -3.16 -4.40
C SER A 172 -8.41 -1.90 -5.04
N ALA A 173 -8.03 -1.60 -6.30
CA ALA A 173 -8.45 -0.35 -6.92
C ALA A 173 -9.97 -0.25 -7.05
N LEU A 174 -10.63 -1.36 -7.39
CA LEU A 174 -12.07 -1.31 -7.59
C LEU A 174 -12.81 -1.19 -6.25
N ARG A 175 -12.46 -2.05 -5.29
CA ARG A 175 -13.16 -2.04 -4.01
C ARG A 175 -12.91 -0.78 -3.21
N ASN A 176 -11.84 -0.04 -3.51
CA ASN A 176 -11.53 1.21 -2.83
C ASN A 176 -12.13 2.42 -3.52
N THR A 177 -12.82 2.23 -4.64
CA THR A 177 -13.51 3.32 -5.31
C THR A 177 -14.81 3.63 -4.57
N PRO A 178 -15.00 4.86 -4.07
CA PRO A 178 -16.21 5.16 -3.29
C PRO A 178 -17.50 4.91 -4.06
N SER A 179 -17.56 5.32 -5.34
CA SER A 179 -18.78 5.12 -6.12
C SER A 179 -19.07 3.65 -6.40
N PHE A 180 -18.09 2.77 -6.21
CA PHE A 180 -18.34 1.35 -6.38
C PHE A 180 -19.25 0.81 -5.28
N LYS A 181 -19.11 1.33 -4.07
CA LYS A 181 -19.92 0.88 -2.95
C LYS A 181 -21.24 1.64 -2.83
N GLU A 182 -21.38 2.77 -3.49
CA GLU A 182 -22.60 3.55 -3.40
C GLU A 182 -23.74 2.83 -4.10
N ARG A 183 -24.94 2.92 -3.50
CA ARG A 183 -26.10 2.21 -4.04
C ARG A 183 -26.56 2.82 -5.36
N ASN A 184 -26.29 4.09 -5.59
CA ASN A 184 -26.59 4.73 -6.87
C ASN A 184 -25.47 4.59 -7.89
N GLY A 185 -24.29 4.11 -7.47
CA GLY A 185 -23.19 3.93 -8.39
C GLY A 185 -23.00 2.48 -8.79
N GLY A 186 -21.94 1.84 -8.28
CA GLY A 186 -21.70 0.45 -8.60
C GLY A 186 -22.55 -0.52 -7.82
N ASN A 187 -22.92 -0.15 -6.59
CA ASN A 187 -23.72 -1.00 -5.70
C ASN A 187 -23.07 -2.37 -5.54
N HIS A 188 -21.76 -2.37 -5.31
CA HIS A 188 -20.96 -3.57 -5.13
C HIS A 188 -21.06 -4.53 -6.32
N ASP A 189 -21.40 -4.02 -7.49
CA ASP A 189 -21.49 -4.82 -8.71
C ASP A 189 -20.45 -4.32 -9.70
N PRO A 190 -19.37 -5.07 -9.94
CA PRO A 190 -18.33 -4.59 -10.86
C PRO A 190 -18.83 -4.36 -12.27
N SER A 191 -19.89 -5.05 -12.69
CA SER A 191 -20.40 -4.89 -14.04
C SER A 191 -21.04 -3.53 -14.28
N ARG A 192 -21.31 -2.76 -13.23
CA ARG A 192 -21.87 -1.43 -13.36
C ARG A 192 -20.79 -0.35 -13.31
N MET A 193 -19.52 -0.72 -13.38
CA MET A 193 -18.41 0.21 -13.30
C MET A 193 -17.61 0.18 -14.59
N LYS A 194 -16.69 1.14 -14.72
CA LYS A 194 -15.82 1.23 -15.88
C LYS A 194 -14.51 1.88 -15.46
N ALA A 195 -13.40 1.36 -16.00
CA ALA A 195 -12.09 1.90 -15.71
C ALA A 195 -11.83 3.14 -16.56
N VAL A 196 -11.30 4.19 -15.92
CA VAL A 196 -10.97 5.44 -16.60
C VAL A 196 -9.54 5.82 -16.25
N ILE A 197 -8.99 6.74 -17.05
CA ILE A 197 -7.58 7.12 -16.96
C ILE A 197 -7.47 8.63 -16.89
N TYR A 198 -6.65 9.13 -15.99
CA TYR A 198 -6.18 10.50 -16.00
C TYR A 198 -4.68 10.50 -15.75
N SER A 199 -4.04 11.65 -15.96
CA SER A 199 -2.60 11.77 -15.85
C SER A 199 -2.23 12.84 -14.83
N LYS A 200 -1.08 12.66 -14.18
CA LYS A 200 -0.55 13.63 -13.24
C LYS A 200 0.90 13.94 -13.60
N HIS A 201 1.19 15.22 -13.74
CA HIS A 201 2.56 15.71 -13.85
C HIS A 201 2.98 16.29 -12.51
N PHE A 202 4.18 15.96 -12.06
CA PHE A 202 4.62 16.37 -10.74
C PHE A 202 6.14 16.38 -10.70
N TRP A 203 6.68 16.79 -9.55
CA TRP A 203 8.11 16.91 -9.33
C TRP A 203 8.64 15.71 -8.55
N SER A 204 9.86 15.29 -8.88
CA SER A 204 10.45 14.09 -8.30
C SER A 204 11.10 14.33 -6.95
N GLY A 205 11.72 15.48 -6.74
CA GLY A 205 12.40 15.74 -5.49
C GLY A 205 11.51 16.32 -4.41
N GLN A 206 10.76 15.45 -3.73
CA GLN A 206 9.78 15.88 -2.75
C GLN A 206 10.16 15.52 -1.32
N ASP A 207 11.35 14.99 -1.10
CA ASP A 207 11.81 14.67 0.26
C ASP A 207 12.39 15.94 0.88
N ARG A 208 11.71 16.47 1.90
CA ARG A 208 12.16 17.69 2.55
C ARG A 208 13.43 17.51 3.37
N SER A 209 13.85 16.28 3.62
CA SER A 209 15.09 16.00 4.33
C SER A 209 16.22 15.62 3.39
N SER A 210 16.03 15.76 2.08
CA SER A 210 17.06 15.45 1.10
C SER A 210 17.92 16.69 0.83
N SER A 211 18.92 16.51 -0.02
CA SER A 211 19.79 17.63 -0.38
C SER A 211 19.03 18.64 -1.22
N ALA A 212 19.51 19.89 -1.18
CA ALA A 212 18.89 20.95 -1.98
C ALA A 212 19.04 20.68 -3.47
N ASP A 213 20.06 19.92 -3.87
CA ASP A 213 20.25 19.59 -5.28
C ASP A 213 19.04 18.83 -5.82
N LYS A 214 18.58 17.82 -5.09
CA LYS A 214 17.43 17.05 -5.55
C LYS A 214 16.14 17.85 -5.51
N ARG A 215 16.02 18.77 -4.54
CA ARG A 215 14.84 19.64 -4.51
C ARG A 215 14.84 20.63 -5.65
N LYS A 216 16.01 21.03 -6.13
N LYS A 216 16.01 21.03 -6.13
CA LYS A 216 16.12 22.02 -7.20
CA LYS A 216 16.13 22.02 -7.20
C LYS A 216 16.29 21.40 -8.58
C LYS A 216 16.29 21.39 -8.57
N TYR A 217 16.86 20.19 -8.66
CA TYR A 217 17.13 19.56 -9.95
C TYR A 217 16.56 18.16 -10.10
N GLY A 218 15.96 17.59 -9.06
CA GLY A 218 15.26 16.34 -9.24
C GLY A 218 16.00 15.17 -8.60
N ASP A 219 15.24 14.15 -8.24
CA ASP A 219 15.80 12.91 -7.69
C ASP A 219 15.67 11.81 -8.72
N PRO A 220 16.75 11.38 -9.36
CA PRO A 220 16.64 10.38 -10.43
C PRO A 220 16.07 9.05 -9.97
N ASP A 221 16.33 8.65 -8.73
CA ASP A 221 15.83 7.38 -8.22
C ASP A 221 14.37 7.44 -7.77
N ALA A 222 13.75 8.62 -7.80
CA ALA A 222 12.41 8.80 -7.27
C ALA A 222 11.35 8.59 -8.35
N PHE A 223 10.29 7.88 -7.99
CA PHE A 223 9.12 7.70 -8.84
C PHE A 223 9.46 7.01 -10.15
N ARG A 224 10.36 6.03 -10.07
CA ARG A 224 10.63 5.16 -11.22
C ARG A 224 9.65 3.99 -11.21
N PRO A 225 9.20 3.54 -12.38
CA PRO A 225 8.26 2.40 -12.40
C PRO A 225 8.96 1.09 -12.15
N ALA A 226 8.27 0.21 -11.42
CA ALA A 226 8.81 -1.11 -11.16
C ALA A 226 8.92 -1.92 -12.45
N PRO A 227 9.95 -2.74 -12.60
CA PRO A 227 10.08 -3.55 -13.82
C PRO A 227 8.96 -4.57 -13.93
N GLY A 228 8.63 -4.93 -15.16
CA GLY A 228 7.58 -5.90 -15.41
C GLY A 228 6.18 -5.31 -15.36
N THR A 229 5.82 -4.72 -14.22
CA THR A 229 4.49 -4.17 -14.03
C THR A 229 4.36 -2.75 -14.55
N GLY A 230 5.40 -1.93 -14.39
CA GLY A 230 5.31 -0.52 -14.71
C GLY A 230 4.63 0.31 -13.65
N LEU A 231 4.37 -0.26 -12.47
CA LEU A 231 3.69 0.47 -11.41
C LEU A 231 4.62 1.52 -10.80
N VAL A 232 4.06 2.69 -10.50
CA VAL A 232 4.77 3.77 -9.83
C VAL A 232 4.22 3.88 -8.42
N ASP A 233 5.12 3.90 -7.43
CA ASP A 233 4.72 4.05 -6.03
C ASP A 233 4.51 5.54 -5.77
N MET A 234 3.25 5.95 -5.72
CA MET A 234 2.89 7.35 -5.51
C MET A 234 2.69 7.69 -4.04
N SER A 235 3.11 6.82 -3.12
CA SER A 235 2.88 7.07 -1.70
C SER A 235 3.72 8.24 -1.19
N ARG A 236 4.91 8.44 -1.74
CA ARG A 236 5.78 9.52 -1.30
C ARG A 236 5.56 10.82 -2.06
N ASP A 237 4.59 10.87 -2.96
CA ASP A 237 4.18 12.13 -3.59
C ASP A 237 3.34 12.91 -2.59
N ARG A 238 3.81 14.10 -2.21
CA ARG A 238 3.13 14.94 -1.24
C ARG A 238 2.80 16.32 -1.78
N ASN A 239 2.60 16.43 -3.09
CA ASN A 239 2.21 17.67 -3.75
C ASN A 239 3.22 18.80 -3.51
N ILE A 240 4.49 18.44 -3.32
CA ILE A 240 5.53 19.42 -3.05
C ILE A 240 6.11 19.91 -4.38
N PRO A 241 6.19 21.21 -4.61
CA PRO A 241 6.65 21.72 -5.90
C PRO A 241 8.17 21.65 -6.02
N ARG A 242 8.64 21.88 -7.25
CA ARG A 242 10.06 22.05 -7.49
C ARG A 242 10.56 23.29 -6.76
N SER A 243 11.71 23.17 -6.11
CA SER A 243 12.27 24.31 -5.39
C SER A 243 12.88 25.29 -6.38
N PRO A 244 12.81 26.60 -6.12
CA PRO A 244 13.37 27.58 -7.04
C PRO A 244 14.89 27.46 -7.12
N THR A 245 15.43 27.84 -8.29
CA THR A 245 16.87 27.89 -8.48
C THR A 245 17.43 29.28 -8.21
N SER A 246 16.64 30.31 -8.42
CA SER A 246 17.00 31.69 -8.14
C SER A 246 15.83 32.36 -7.46
N PRO A 247 16.08 33.42 -6.68
CA PRO A 247 14.96 34.11 -6.02
C PRO A 247 13.97 34.68 -7.03
N GLY A 248 12.69 34.57 -6.69
CA GLY A 248 11.63 35.00 -7.55
C GLY A 248 11.08 33.94 -8.50
N GLU A 249 11.85 32.88 -8.75
CA GLU A 249 11.40 31.81 -9.64
C GLU A 249 10.30 31.01 -8.95
N GLY A 250 9.12 31.00 -9.55
CA GLY A 250 7.97 30.27 -9.01
C GLY A 250 7.64 29.07 -9.87
N PHE A 251 7.32 27.95 -9.21
CA PHE A 251 6.93 26.73 -9.88
C PHE A 251 5.58 26.26 -9.38
N VAL A 252 4.80 25.66 -10.28
CA VAL A 252 3.54 25.03 -9.94
C VAL A 252 3.82 23.59 -9.52
N ASN A 253 3.09 23.10 -8.52
CA ASN A 253 3.45 21.83 -7.90
C ASN A 253 3.03 20.62 -8.75
N PHE A 254 1.84 20.66 -9.34
CA PHE A 254 1.39 19.53 -10.15
C PHE A 254 0.46 20.00 -11.26
N ASP A 255 0.07 19.04 -12.10
CA ASP A 255 -0.88 19.25 -13.18
C ASP A 255 -1.64 17.95 -13.39
N TYR A 256 -2.95 18.05 -13.55
CA TYR A 256 -3.81 16.89 -13.76
C TYR A 256 -4.49 17.00 -15.11
N GLY A 257 -4.47 15.90 -15.87
CA GLY A 257 -5.12 15.86 -17.17
C GLY A 257 -6.07 14.69 -17.31
N TRP A 258 -7.32 14.96 -17.67
CA TRP A 258 -8.34 13.92 -17.74
C TRP A 258 -8.40 13.34 -19.15
N PHE A 259 -8.19 12.03 -19.26
CA PHE A 259 -8.37 11.31 -20.51
C PHE A 259 -9.74 10.66 -20.61
N GLY A 260 -10.11 9.87 -19.61
CA GLY A 260 -11.39 9.19 -19.62
C GLY A 260 -11.31 7.77 -20.16
N ALA A 261 -12.07 7.50 -21.23
CA ALA A 261 -12.07 6.18 -21.84
C ALA A 261 -12.36 6.32 -23.33
N GLN A 262 -11.61 7.19 -24.00
CA GLN A 262 -11.76 7.36 -25.44
C GLN A 262 -11.32 6.11 -26.17
N THR A 263 -12.01 5.81 -27.28
CA THR A 263 -11.72 4.62 -28.06
C THR A 263 -10.70 4.85 -29.16
N GLU A 264 -10.32 6.11 -29.41
CA GLU A 264 -9.39 6.42 -30.49
C GLU A 264 -8.08 5.67 -30.30
N ALA A 265 -7.68 4.92 -31.33
CA ALA A 265 -6.46 4.13 -31.23
C ALA A 265 -5.21 5.00 -31.30
N ASP A 266 -5.28 6.15 -31.97
CA ASP A 266 -4.16 7.06 -32.05
C ASP A 266 -3.99 7.77 -30.70
N ALA A 267 -2.94 7.43 -29.97
CA ALA A 267 -2.61 8.17 -28.76
C ALA A 267 -2.47 9.65 -29.04
N ASP A 268 -1.83 10.00 -30.16
CA ASP A 268 -1.60 11.39 -30.50
C ASP A 268 -2.89 12.13 -30.83
N LYS A 269 -3.98 11.42 -31.11
CA LYS A 269 -5.26 12.05 -31.39
C LYS A 269 -6.20 12.06 -30.19
N THR A 270 -5.75 11.56 -29.04
CA THR A 270 -6.55 11.61 -27.83
C THR A 270 -6.49 13.00 -27.22
N VAL A 271 -7.59 13.40 -26.58
CA VAL A 271 -7.75 14.73 -26.03
C VAL A 271 -7.68 14.66 -24.52
N TRP A 272 -6.94 15.59 -23.92
CA TRP A 272 -6.73 15.63 -22.48
C TRP A 272 -7.21 16.96 -21.94
N THR A 273 -8.09 16.90 -20.93
CA THR A 273 -8.75 18.08 -20.39
C THR A 273 -8.10 18.50 -19.07
N HIS A 274 -7.74 19.77 -18.96
CA HIS A 274 -7.09 20.29 -17.77
C HIS A 274 -7.34 21.79 -17.68
N GLY A 275 -7.15 22.32 -16.47
CA GLY A 275 -7.31 23.75 -16.22
C GLY A 275 -6.01 24.41 -15.86
N ASN A 276 -5.95 25.74 -15.98
CA ASN A 276 -4.67 26.42 -15.78
C ASN A 276 -4.44 26.76 -14.31
N HIS A 277 -5.50 27.14 -13.58
CA HIS A 277 -5.40 27.50 -12.17
C HIS A 277 -6.81 27.62 -11.61
N TYR A 278 -6.90 27.92 -10.32
CA TYR A 278 -8.21 28.05 -9.68
C TYR A 278 -8.91 29.32 -10.17
N HIS A 279 -10.23 29.35 -9.94
CA HIS A 279 -11.09 30.39 -10.50
C HIS A 279 -11.06 31.62 -9.61
N ALA A 280 -10.55 32.73 -10.14
CA ALA A 280 -10.50 34.00 -9.41
C ALA A 280 -10.57 35.16 -10.39
N PRO A 281 -11.74 35.38 -11.01
CA PRO A 281 -11.86 36.48 -11.98
C PRO A 281 -11.75 37.86 -11.35
N ASN A 282 -12.06 37.99 -10.06
CA ASN A 282 -11.91 39.26 -9.36
C ASN A 282 -10.52 39.42 -8.75
N GLY A 283 -9.61 38.49 -9.01
CA GLY A 283 -8.30 38.52 -8.38
C GLY A 283 -7.14 38.61 -9.34
N SER A 284 -5.96 38.15 -8.89
CA SER A 284 -4.74 38.32 -9.67
C SER A 284 -4.71 37.37 -10.87
N LEU A 285 -4.81 36.07 -10.61
CA LEU A 285 -4.65 35.08 -11.68
C LEU A 285 -5.74 35.17 -12.73
N GLY A 286 -6.88 35.75 -12.40
CA GLY A 286 -7.98 35.81 -13.34
C GLY A 286 -8.85 34.58 -13.29
N ALA A 287 -9.76 34.50 -14.24
CA ALA A 287 -10.70 33.39 -14.29
C ALA A 287 -10.00 32.10 -14.68
N MET A 288 -10.53 30.99 -14.18
CA MET A 288 -10.02 29.68 -14.57
C MET A 288 -10.42 29.38 -16.00
N HIS A 289 -9.48 28.81 -16.76
CA HIS A 289 -9.73 28.39 -18.13
C HIS A 289 -9.49 26.90 -18.24
N VAL A 290 -10.37 26.22 -18.97
CA VAL A 290 -10.29 24.78 -19.18
C VAL A 290 -9.62 24.54 -20.53
N TYR A 291 -8.55 23.75 -20.53
CA TYR A 291 -7.81 23.46 -21.74
C TYR A 291 -8.10 22.05 -22.22
N GLU A 292 -8.20 21.88 -23.54
CA GLU A 292 -8.42 20.59 -24.18
C GLU A 292 -7.28 20.39 -25.16
N SER A 293 -6.31 19.56 -24.78
CA SER A 293 -5.07 19.40 -25.52
C SER A 293 -4.98 18.01 -26.13
N LYS A 294 -4.40 17.94 -27.33
CA LYS A 294 -3.96 16.66 -27.86
C LYS A 294 -2.86 16.09 -26.96
N PHE A 295 -2.64 14.77 -27.08
CA PHE A 295 -1.77 14.07 -26.14
C PHE A 295 -0.36 14.66 -26.14
N ARG A 296 0.20 14.91 -27.32
CA ARG A 296 1.56 15.45 -27.40
C ARG A 296 1.65 16.85 -26.79
N ASN A 297 0.57 17.63 -26.88
CA ASN A 297 0.55 18.93 -26.22
C ASN A 297 0.53 18.76 -24.70
N TRP A 298 -0.26 17.80 -24.21
CA TRP A 298 -0.31 17.55 -22.78
C TRP A 298 1.00 16.96 -22.29
N SER A 299 1.51 15.94 -22.98
CA SER A 299 2.71 15.24 -22.54
C SER A 299 3.97 16.08 -22.72
N GLU A 300 3.89 17.21 -23.41
CA GLU A 300 5.05 18.10 -23.50
C GLU A 300 5.44 18.64 -22.14
N GLY A 301 4.46 18.83 -21.26
CA GLY A 301 4.68 19.24 -19.89
C GLY A 301 5.38 20.59 -19.77
N TYR A 302 6.02 20.77 -18.62
CA TYR A 302 6.74 22.00 -18.32
C TYR A 302 7.97 21.66 -17.50
N SER A 303 8.81 22.67 -17.29
CA SER A 303 9.98 22.49 -16.43
C SER A 303 9.58 22.32 -14.96
N ASP A 304 8.34 22.67 -14.61
CA ASP A 304 7.87 22.47 -13.24
C ASP A 304 7.84 21.00 -12.85
N PHE A 305 7.59 20.12 -13.82
CA PHE A 305 7.38 18.70 -13.56
C PHE A 305 8.40 17.89 -14.34
N ASP A 306 9.07 16.95 -13.67
CA ASP A 306 9.96 16.00 -14.31
C ASP A 306 9.40 14.58 -14.26
N ARG A 307 8.18 14.40 -13.79
CA ARG A 307 7.57 13.09 -13.63
C ARG A 307 6.18 13.08 -14.24
N GLY A 308 5.81 11.95 -14.84
CA GLY A 308 4.47 11.76 -15.36
C GLY A 308 3.93 10.40 -14.98
N ALA A 309 2.74 10.37 -14.39
CA ALA A 309 2.09 9.13 -13.98
C ALA A 309 0.71 9.05 -14.63
N TYR A 310 0.37 7.88 -15.15
CA TYR A 310 -0.92 7.63 -15.77
C TYR A 310 -1.72 6.72 -14.86
N VAL A 311 -2.81 7.25 -14.31
CA VAL A 311 -3.53 6.66 -13.20
C VAL A 311 -4.80 5.99 -13.70
N ILE A 312 -5.19 4.90 -13.04
CA ILE A 312 -6.43 4.19 -13.34
C ILE A 312 -7.32 4.28 -12.12
N THR A 313 -8.57 4.70 -12.33
CA THR A 313 -9.61 4.62 -11.32
C THR A 313 -10.89 4.14 -12.00
N PHE A 314 -12.01 4.15 -11.28
CA PHE A 314 -13.25 3.60 -11.79
C PHE A 314 -14.39 4.57 -11.57
N ILE A 315 -15.33 4.58 -12.52
CA ILE A 315 -16.57 5.34 -12.41
C ILE A 315 -17.71 4.44 -12.84
N PRO A 316 -18.93 4.74 -12.38
CA PRO A 316 -20.08 3.93 -12.81
C PRO A 316 -20.36 4.09 -14.30
N LYS A 317 -20.80 3.00 -14.93
CA LYS A 317 -21.15 3.03 -16.35
C LYS A 317 -22.29 4.00 -16.64
N SER A 318 -23.12 4.31 -15.63
CA SER A 318 -24.25 5.21 -15.84
C SER A 318 -23.81 6.64 -16.11
N TRP A 319 -22.57 6.99 -15.79
CA TRP A 319 -22.09 8.34 -16.03
C TRP A 319 -21.73 8.53 -17.50
N ASN A 320 -21.44 9.78 -17.86
CA ASN A 320 -21.00 10.10 -19.22
C ASN A 320 -19.80 11.04 -19.21
N THR A 321 -19.01 11.05 -18.14
CA THR A 321 -17.82 11.89 -18.06
C THR A 321 -16.62 11.27 -18.76
N ALA A 322 -16.74 10.05 -19.27
CA ALA A 322 -15.66 9.39 -20.03
C ALA A 322 -16.23 8.76 -21.29
N PRO A 323 -16.77 9.57 -22.20
CA PRO A 323 -17.39 9.00 -23.42
C PRO A 323 -16.35 8.45 -24.37
N ASP A 324 -16.83 7.70 -25.35
CA ASP A 324 -15.94 7.08 -26.33
C ASP A 324 -15.18 8.12 -27.14
N LYS A 325 -15.77 9.29 -27.34
CA LYS A 325 -15.18 10.33 -28.18
C LYS A 325 -15.20 11.66 -27.43
N VAL A 326 -14.10 12.40 -27.53
CA VAL A 326 -13.97 13.72 -26.94
C VAL A 326 -13.56 14.70 -28.04
N LYS A 327 -14.32 15.77 -28.18
CA LYS A 327 -14.11 16.75 -29.25
C LYS A 327 -13.63 18.06 -28.66
N GLN A 328 -12.53 18.58 -29.20
CA GLN A 328 -12.02 19.87 -28.78
C GLN A 328 -12.98 20.99 -29.20
N GLY A 329 -13.10 21.99 -28.34
CA GLY A 329 -13.86 23.17 -28.71
C GLY A 329 -15.37 22.93 -28.78
N TRP A 330 -16.03 23.83 -29.51
CA TRP A 330 -17.48 23.80 -29.68
C TRP A 330 -17.83 24.63 -30.89
N PRO A 331 -18.76 24.18 -31.75
CA PRO A 331 -19.49 22.91 -31.64
C PRO A 331 -18.62 21.71 -32.03
N SER B 2 -4.04 -40.17 4.74
CA SER B 2 -4.70 -40.02 6.03
C SER B 2 -4.11 -38.86 6.81
N ASP B 3 -3.00 -38.32 6.32
CA ASP B 3 -2.30 -37.25 7.01
C ASP B 3 -2.94 -35.89 6.75
N ASP B 4 -4.27 -35.82 6.83
CA ASP B 4 -4.96 -34.55 6.68
C ASP B 4 -5.01 -33.80 8.02
N ARG B 5 -5.17 -32.49 7.92
CA ARG B 5 -5.23 -31.66 9.12
C ARG B 5 -6.48 -31.98 9.92
N VAL B 6 -6.31 -32.29 11.20
CA VAL B 6 -7.40 -32.66 12.10
C VAL B 6 -7.73 -31.45 12.98
N THR B 7 -9.01 -31.09 13.01
CA THR B 7 -9.47 -30.06 13.92
C THR B 7 -9.62 -30.66 15.31
N PRO B 8 -8.97 -30.12 16.34
CA PRO B 8 -9.03 -30.73 17.65
C PRO B 8 -10.44 -30.70 18.19
N PRO B 9 -10.83 -31.69 19.01
CA PRO B 9 -12.19 -31.74 19.54
C PRO B 9 -12.44 -30.64 20.55
N ALA B 10 -13.72 -30.48 20.88
CA ALA B 10 -14.13 -29.43 21.81
C ALA B 10 -13.70 -29.78 23.23
N GLU B 11 -13.21 -28.78 23.95
CA GLU B 11 -12.78 -28.94 25.33
C GLU B 11 -13.80 -28.27 26.25
N PRO B 12 -14.38 -28.99 27.20
CA PRO B 12 -15.33 -28.35 28.13
C PRO B 12 -14.67 -27.21 28.89
N LEU B 13 -15.48 -26.20 29.20
CA LEU B 13 -14.96 -24.99 29.84
C LEU B 13 -14.36 -25.28 31.22
N ASP B 14 -14.83 -26.33 31.88
CA ASP B 14 -14.37 -26.67 33.22
C ASP B 14 -13.16 -27.59 33.23
N ARG B 15 -12.80 -28.18 32.10
CA ARG B 15 -11.67 -29.10 32.04
CA ARG B 15 -11.67 -29.10 32.04
C ARG B 15 -10.36 -28.34 32.21
N MET B 16 -9.62 -28.67 33.26
CA MET B 16 -8.35 -28.00 33.53
C MET B 16 -7.23 -28.63 32.71
N PRO B 17 -6.24 -27.84 32.30
CA PRO B 17 -5.14 -28.38 31.51
C PRO B 17 -4.16 -29.17 32.36
N ASP B 18 -3.39 -30.00 31.67
CA ASP B 18 -2.34 -30.76 32.34
C ASP B 18 -1.16 -29.85 32.66
N PRO B 19 -0.39 -30.15 33.69
CA PRO B 19 0.75 -29.30 34.04
C PRO B 19 1.94 -29.51 33.13
N TYR B 20 2.70 -28.44 32.95
CA TYR B 20 3.95 -28.48 32.20
C TYR B 20 4.75 -27.23 32.51
N ARG B 21 6.05 -27.29 32.23
CA ARG B 21 6.98 -26.27 32.68
C ARG B 21 7.94 -25.91 31.55
N PRO B 22 8.45 -24.69 31.52
CA PRO B 22 9.48 -24.34 30.55
C PRO B 22 10.82 -24.95 30.91
N SER B 23 11.59 -25.29 29.88
CA SER B 23 12.92 -25.84 30.03
C SER B 23 13.88 -25.05 29.15
N TYR B 24 14.83 -24.37 29.77
CA TYR B 24 15.79 -23.51 29.06
C TYR B 24 15.07 -22.45 28.23
N GLY B 25 14.02 -21.85 28.82
CA GLY B 25 13.33 -20.73 28.22
C GLY B 25 12.14 -21.06 27.36
N ARG B 26 11.81 -22.34 27.17
CA ARG B 26 10.72 -22.72 26.29
C ARG B 26 9.87 -23.81 26.95
N ALA B 27 8.56 -23.61 26.92
CA ALA B 27 7.59 -24.62 27.35
C ALA B 27 6.81 -25.12 26.13
N GLU B 28 6.32 -26.34 26.22
CA GLU B 28 5.54 -26.93 25.14
C GLU B 28 4.51 -27.88 25.70
N THR B 29 3.38 -27.99 24.99
CA THR B 29 2.32 -28.92 25.35
C THR B 29 1.50 -29.21 24.11
N VAL B 30 0.80 -30.34 24.13
CA VAL B 30 -0.02 -30.74 22.99
C VAL B 30 -1.17 -29.74 22.83
N VAL B 31 -1.66 -29.61 21.59
CA VAL B 31 -2.62 -28.55 21.26
C VAL B 31 -3.91 -28.73 22.05
N ASN B 32 -4.35 -29.98 22.25
CA ASN B 32 -5.56 -30.21 23.05
C ASN B 32 -5.39 -29.66 24.45
N ASN B 33 -4.19 -29.80 25.02
CA ASN B 33 -3.93 -29.23 26.34
C ASN B 33 -3.83 -27.72 26.29
N TYR B 34 -3.31 -27.17 25.19
CA TYR B 34 -3.21 -25.71 25.09
C TYR B 34 -4.58 -25.07 24.99
N ILE B 35 -5.54 -25.73 24.34
CA ILE B 35 -6.90 -25.20 24.27
C ILE B 35 -7.48 -25.04 25.67
N ARG B 36 -7.25 -26.04 26.54
CA ARG B 36 -7.73 -25.95 27.91
C ARG B 36 -7.13 -24.76 28.63
N LYS B 37 -5.83 -24.54 28.47
CA LYS B 37 -5.21 -23.37 29.08
C LYS B 37 -5.74 -22.07 28.47
N TRP B 38 -5.89 -22.05 27.14
CA TRP B 38 -6.42 -20.87 26.48
C TRP B 38 -7.81 -20.51 27.01
N GLN B 39 -8.67 -21.52 27.18
CA GLN B 39 -10.01 -21.26 27.70
C GLN B 39 -10.00 -20.76 29.13
N GLN B 40 -8.95 -21.05 29.90
CA GLN B 40 -8.88 -20.63 31.28
C GLN B 40 -8.33 -19.22 31.47
N VAL B 41 -7.41 -18.78 30.62
CA VAL B 41 -6.72 -17.52 30.85
C VAL B 41 -6.78 -16.55 29.68
N TYR B 42 -7.12 -16.98 28.46
CA TYR B 42 -7.11 -16.10 27.30
C TYR B 42 -8.45 -15.90 26.63
N SER B 43 -9.49 -16.64 27.03
CA SER B 43 -10.74 -16.70 26.29
C SER B 43 -11.77 -15.66 26.74
N HIS B 44 -11.47 -14.87 27.77
CA HIS B 44 -12.49 -14.04 28.40
C HIS B 44 -13.06 -13.02 27.41
N ARG B 45 -14.39 -12.92 27.40
CA ARG B 45 -15.10 -11.87 26.68
C ARG B 45 -15.66 -10.92 27.74
N ASP B 46 -15.02 -9.76 27.89
CA ASP B 46 -15.37 -8.83 28.95
C ASP B 46 -15.33 -9.50 30.31
N GLY B 47 -14.34 -10.36 30.53
CA GLY B 47 -14.11 -10.96 31.84
C GLY B 47 -14.83 -12.25 32.12
N ARG B 48 -15.40 -12.90 31.11
CA ARG B 48 -16.11 -14.16 31.30
C ARG B 48 -15.55 -15.22 30.37
N LYS B 49 -15.07 -16.32 30.94
CA LYS B 49 -14.45 -17.38 30.17
C LYS B 49 -15.38 -17.90 29.09
N GLN B 50 -14.80 -18.27 27.94
CA GLN B 50 -15.55 -18.84 26.84
C GLN B 50 -14.85 -20.10 26.35
N GLN B 51 -15.63 -21.02 25.80
CA GLN B 51 -15.08 -22.20 25.16
C GLN B 51 -14.58 -21.85 23.77
N MET B 52 -13.41 -22.36 23.41
CA MET B 52 -12.88 -22.12 22.07
C MET B 52 -13.80 -22.77 21.04
N THR B 53 -14.35 -21.94 20.16
CA THR B 53 -15.34 -22.42 19.19
C THR B 53 -14.71 -23.40 18.20
N GLU B 54 -15.57 -24.06 17.44
CA GLU B 54 -15.09 -25.01 16.43
C GLU B 54 -14.29 -24.30 15.35
N GLU B 55 -14.72 -23.10 14.96
CA GLU B 55 -13.98 -22.34 13.95
C GLU B 55 -12.60 -21.94 14.45
N GLN B 56 -12.50 -21.50 15.71
CA GLN B 56 -11.21 -21.15 16.27
C GLN B 56 -10.30 -22.37 16.38
N ARG B 57 -10.86 -23.51 16.80
CA ARG B 57 -10.06 -24.73 16.87
C ARG B 57 -9.57 -25.13 15.47
N GLU B 58 -10.38 -24.89 14.45
CA GLU B 58 -9.94 -25.13 13.08
C GLU B 58 -8.81 -24.19 12.69
N TRP B 59 -8.94 -22.91 13.03
CA TRP B 59 -7.85 -21.96 12.80
C TRP B 59 -6.58 -22.41 13.49
N LEU B 60 -6.68 -22.75 14.78
CA LEU B 60 -5.50 -23.13 15.56
C LEU B 60 -4.80 -24.35 14.99
N SER B 61 -5.55 -25.28 14.41
CA SER B 61 -4.99 -26.55 13.94
C SER B 61 -4.07 -26.39 12.73
N TYR B 62 -3.87 -25.19 12.21
CA TYR B 62 -3.03 -24.98 11.04
C TYR B 62 -1.55 -24.82 11.39
N GLY B 63 -1.19 -24.82 12.67
CA GLY B 63 0.21 -24.74 13.05
C GLY B 63 0.61 -23.43 13.68
N CYS B 64 1.82 -22.94 13.33
CA CYS B 64 2.32 -21.71 13.94
C CYS B 64 1.39 -20.54 13.67
N VAL B 65 0.81 -20.48 12.47
CA VAL B 65 -0.09 -19.39 12.14
C VAL B 65 -1.39 -19.47 12.93
N GLY B 66 -1.73 -20.64 13.46
CA GLY B 66 -3.01 -20.80 14.13
C GLY B 66 -3.13 -20.00 15.40
N VAL B 67 -2.07 -19.95 16.20
CA VAL B 67 -2.11 -19.22 17.47
C VAL B 67 -2.43 -17.75 17.23
N THR B 68 -1.71 -17.12 16.30
CA THR B 68 -1.97 -15.72 15.96
C THR B 68 -3.35 -15.57 15.32
N TRP B 69 -3.82 -16.58 14.59
CA TRP B 69 -5.13 -16.52 13.95
C TRP B 69 -6.23 -16.37 14.97
N VAL B 70 -6.27 -17.24 15.98
CA VAL B 70 -7.36 -17.21 16.95
C VAL B 70 -7.19 -16.04 17.91
N ASN B 71 -5.95 -15.64 18.20
CA ASN B 71 -5.74 -14.57 19.16
C ASN B 71 -6.11 -13.20 18.57
N SER B 72 -5.93 -13.02 17.27
CA SER B 72 -6.26 -11.76 16.61
C SER B 72 -7.58 -11.81 15.85
N GLY B 73 -8.13 -13.01 15.62
CA GLY B 73 -9.37 -13.14 14.89
C GLY B 73 -9.26 -13.00 13.39
N GLN B 74 -8.05 -12.84 12.85
CA GLN B 74 -7.84 -12.67 11.43
C GLN B 74 -6.58 -13.42 11.02
N TYR B 75 -6.60 -13.96 9.80
CA TYR B 75 -5.39 -14.55 9.26
C TYR B 75 -4.34 -13.47 9.08
N PRO B 76 -3.10 -13.69 9.53
CA PRO B 76 -2.10 -12.61 9.52
C PRO B 76 -1.88 -12.02 8.14
N THR B 77 -2.03 -10.70 8.03
CA THR B 77 -1.72 -9.99 6.80
C THR B 77 -0.31 -9.42 6.80
N ASN B 78 0.22 -9.08 7.98
CA ASN B 78 1.58 -8.56 8.13
C ASN B 78 1.77 -7.22 7.41
N ARG B 79 0.68 -6.46 7.24
CA ARG B 79 0.73 -5.23 6.46
C ARG B 79 1.59 -4.18 7.13
N LEU B 80 1.39 -3.96 8.43
CA LEU B 80 2.16 -2.99 9.20
C LEU B 80 3.25 -3.74 9.95
N ALA B 81 4.50 -3.59 9.51
CA ALA B 81 5.60 -4.40 10.02
C ALA B 81 6.83 -3.53 10.24
N PHE B 82 7.64 -3.91 11.23
CA PHE B 82 8.82 -3.16 11.62
C PHE B 82 10.01 -4.09 11.77
N ALA B 83 11.21 -3.51 11.62
CA ALA B 83 12.46 -4.21 11.88
C ALA B 83 13.57 -3.18 12.02
N SER B 84 14.68 -3.63 12.62
CA SER B 84 15.87 -2.79 12.80
C SER B 84 17.03 -3.41 12.04
N PHE B 85 17.77 -2.56 11.31
CA PHE B 85 18.85 -3.03 10.45
C PHE B 85 20.01 -2.06 10.56
N ASP B 86 21.18 -2.57 10.92
CA ASP B 86 22.40 -1.78 11.01
C ASP B 86 22.97 -1.61 9.60
N GLU B 87 22.66 -0.48 8.96
CA GLU B 87 23.11 -0.27 7.60
C GLU B 87 24.63 -0.10 7.51
N ASP B 88 25.26 0.41 8.57
CA ASP B 88 26.69 0.63 8.54
C ASP B 88 27.48 -0.64 8.81
N ARG B 89 26.96 -1.52 9.69
CA ARG B 89 27.62 -2.81 9.89
C ARG B 89 27.51 -3.68 8.65
N PHE B 90 26.38 -3.61 7.95
CA PHE B 90 26.22 -4.37 6.71
C PHE B 90 27.13 -3.84 5.62
N LYS B 91 27.19 -2.51 5.48
CA LYS B 91 28.07 -1.92 4.47
C LYS B 91 29.54 -2.19 4.76
N ASN B 92 29.91 -2.26 6.05
CA ASN B 92 31.30 -2.52 6.39
C ASN B 92 31.66 -3.98 6.13
N GLU B 93 30.86 -4.91 6.64
CA GLU B 93 31.12 -6.33 6.39
C GLU B 93 31.08 -6.64 4.89
N LEU B 94 30.37 -5.83 4.12
CA LEU B 94 30.39 -5.98 2.66
C LEU B 94 31.77 -5.67 2.11
N LYS B 95 32.32 -4.50 2.45
CA LYS B 95 33.60 -4.08 1.90
C LYS B 95 34.77 -4.73 2.63
N ASN B 96 34.76 -4.67 3.97
CA ASN B 96 35.90 -5.13 4.75
C ASN B 96 35.89 -6.62 5.03
N GLY B 97 34.71 -7.20 5.26
CA GLY B 97 34.64 -8.58 5.66
C GLY B 97 35.07 -9.55 4.58
N ARG B 98 35.50 -10.73 5.03
CA ARG B 98 35.95 -11.80 4.15
C ARG B 98 35.09 -13.04 4.34
N PRO B 99 34.72 -13.72 3.27
CA PRO B 99 33.90 -14.93 3.40
C PRO B 99 34.64 -16.02 4.14
N ARG B 100 33.88 -16.89 4.80
CA ARG B 100 34.45 -18.00 5.55
C ARG B 100 34.79 -19.13 4.58
N SER B 101 35.12 -20.30 5.12
CA SER B 101 35.58 -21.41 4.30
C SER B 101 34.46 -21.95 3.43
N GLY B 102 34.74 -22.07 2.13
CA GLY B 102 33.78 -22.64 1.20
C GLY B 102 32.52 -21.83 0.99
N GLU B 103 32.54 -20.54 1.31
CA GLU B 103 31.36 -19.70 1.24
C GLU B 103 31.44 -18.81 0.00
N THR B 104 30.50 -18.98 -0.92
CA THR B 104 30.45 -18.15 -2.11
C THR B 104 30.06 -16.72 -1.76
N ARG B 105 30.26 -15.82 -2.73
CA ARG B 105 29.97 -14.41 -2.49
C ARG B 105 28.49 -14.19 -2.20
N ALA B 106 27.61 -14.82 -2.98
CA ALA B 106 26.18 -14.68 -2.73
C ALA B 106 25.79 -15.29 -1.40
N GLU B 107 26.47 -16.35 -0.98
CA GLU B 107 26.20 -16.94 0.33
C GLU B 107 26.67 -16.03 1.44
N PHE B 108 27.82 -15.37 1.25
CA PHE B 108 28.36 -14.47 2.27
C PHE B 108 27.48 -13.23 2.43
N GLU B 109 27.06 -12.63 1.31
CA GLU B 109 26.25 -11.43 1.38
C GLU B 109 24.87 -11.70 1.98
N GLY B 110 24.33 -12.90 1.75
CA GLY B 110 23.06 -13.26 2.37
C GLY B 110 23.17 -13.38 3.88
N ARG B 111 24.24 -14.02 4.37
CA ARG B 111 24.42 -14.18 5.81
C ARG B 111 24.71 -12.84 6.47
N VAL B 112 25.54 -12.01 5.87
CA VAL B 112 25.87 -10.71 6.44
C VAL B 112 24.61 -9.86 6.57
N ALA B 113 23.77 -9.86 5.54
CA ALA B 113 22.50 -9.14 5.64
C ALA B 113 21.63 -9.71 6.75
N LYS B 114 21.65 -11.03 6.93
CA LYS B 114 20.85 -11.66 7.98
C LYS B 114 21.35 -11.24 9.36
N GLU B 115 22.67 -11.25 9.57
CA GLU B 115 23.24 -10.92 10.87
C GLU B 115 23.19 -9.43 11.17
N SER B 116 22.90 -8.58 10.19
CA SER B 116 22.81 -7.14 10.44
C SER B 116 21.48 -6.74 11.07
N PHE B 117 20.48 -7.64 11.05
CA PHE B 117 19.21 -7.33 11.69
C PHE B 117 19.34 -7.43 13.21
N ASP B 118 18.60 -6.57 13.90
CA ASP B 118 18.55 -6.55 15.37
C ASP B 118 17.08 -6.73 15.77
N GLU B 119 16.72 -7.95 16.15
CA GLU B 119 15.32 -8.25 16.44
C GLU B 119 14.85 -7.66 17.75
N GLU B 120 15.76 -7.42 18.70
CA GLU B 120 15.36 -6.76 19.95
C GLU B 120 14.98 -5.31 19.70
N LYS B 121 15.83 -4.57 18.98
CA LYS B 121 15.49 -3.20 18.63
C LYS B 121 14.33 -3.14 17.64
N GLY B 122 14.20 -4.16 16.78
CA GLY B 122 13.03 -4.24 15.92
C GLY B 122 11.76 -4.45 16.70
N PHE B 123 11.82 -5.30 17.74
CA PHE B 123 10.67 -5.47 18.62
C PHE B 123 10.46 -4.25 19.50
N GLN B 124 11.54 -3.58 19.90
CA GLN B 124 11.40 -2.36 20.69
C GLN B 124 10.74 -1.25 19.88
N ARG B 125 11.07 -1.13 18.60
CA ARG B 125 10.41 -0.17 17.75
C ARG B 125 8.92 -0.46 17.65
N ALA B 126 8.55 -1.73 17.48
CA ALA B 126 7.13 -2.09 17.37
C ALA B 126 6.38 -1.75 18.64
N ARG B 127 6.99 -2.00 19.80
CA ARG B 127 6.34 -1.67 21.08
C ARG B 127 6.10 -0.17 21.20
N GLU B 128 7.11 0.63 20.87
CA GLU B 128 7.00 2.08 21.03
C GLU B 128 5.93 2.65 20.12
N VAL B 129 5.80 2.12 18.90
CA VAL B 129 4.78 2.63 17.99
C VAL B 129 3.40 2.16 18.41
N ALA B 130 3.29 0.92 18.89
CA ALA B 130 2.00 0.43 19.39
C ALA B 130 1.55 1.23 20.61
N SER B 131 2.51 1.67 21.44
CA SER B 131 2.16 2.51 22.59
C SER B 131 1.64 3.87 22.13
N VAL B 132 2.23 4.42 21.07
CA VAL B 132 1.72 5.66 20.50
C VAL B 132 0.28 5.49 20.02
N MET B 133 0.02 4.39 19.32
CA MET B 133 -1.31 4.16 18.77
C MET B 133 -2.34 3.92 19.87
N ASN B 134 -1.94 3.21 20.94
CA ASN B 134 -2.86 2.98 22.05
C ASN B 134 -3.22 4.28 22.75
N ARG B 135 -2.25 5.17 22.94
CA ARG B 135 -2.54 6.48 23.51
C ARG B 135 -3.44 7.30 22.60
N ALA B 136 -3.32 7.10 21.27
CA ALA B 136 -4.09 7.90 20.34
C ALA B 136 -5.57 7.55 20.36
N LEU B 137 -5.91 6.28 20.58
CA LEU B 137 -7.29 5.84 20.58
C LEU B 137 -7.92 5.80 21.97
N GLU B 138 -7.15 6.14 23.01
CA GLU B 138 -7.64 5.98 24.38
C GLU B 138 -8.94 6.74 24.61
N ASN B 139 -9.08 7.92 24.02
CA ASN B 139 -10.28 8.74 24.20
C ASN B 139 -10.93 9.12 22.88
N ALA B 140 -10.55 8.48 21.78
CA ALA B 140 -11.14 8.77 20.47
C ALA B 140 -12.29 7.82 20.19
N HIS B 141 -13.45 8.38 19.89
CA HIS B 141 -14.65 7.60 19.60
C HIS B 141 -14.99 7.55 18.12
N ASP B 142 -14.21 8.21 17.27
CA ASP B 142 -14.31 8.05 15.83
C ASP B 142 -12.90 7.98 15.26
N GLU B 143 -12.79 7.40 14.07
CA GLU B 143 -11.48 7.18 13.47
C GLU B 143 -10.73 8.48 13.24
N SER B 144 -11.46 9.54 12.86
CA SER B 144 -10.81 10.83 12.60
C SER B 144 -10.15 11.38 13.86
N ALA B 145 -10.83 11.24 15.01
CA ALA B 145 -10.22 11.69 16.27
C ALA B 145 -8.97 10.88 16.58
N TYR B 146 -8.97 9.59 16.24
CA TYR B 146 -7.79 8.76 16.47
C TYR B 146 -6.65 9.18 15.56
N LEU B 147 -6.95 9.48 14.29
CA LEU B 147 -5.90 9.88 13.36
C LEU B 147 -5.32 11.24 13.76
N ASP B 148 -6.16 12.16 14.22
CA ASP B 148 -5.65 13.45 14.68
C ASP B 148 -4.81 13.30 15.94
N ASN B 149 -5.24 12.45 16.87
CA ASN B 149 -4.45 12.20 18.06
C ASN B 149 -3.13 11.53 17.71
N LEU B 150 -3.15 10.59 16.77
CA LEU B 150 -1.94 9.86 16.40
C LEU B 150 -0.92 10.77 15.71
N LYS B 151 -1.38 11.55 14.73
CA LYS B 151 -0.47 12.38 13.95
C LYS B 151 0.18 13.47 14.80
N LYS B 152 -0.54 14.01 15.77
CA LYS B 152 -0.01 15.11 16.56
C LYS B 152 1.02 14.66 17.60
N GLU B 153 1.00 13.38 18.00
CA GLU B 153 2.08 12.89 18.85
C GLU B 153 3.29 12.47 18.02
N LEU B 154 3.05 11.92 16.83
CA LEU B 154 4.16 11.63 15.92
C LEU B 154 4.90 12.91 15.55
N ALA B 155 4.15 14.01 15.39
CA ALA B 155 4.78 15.31 15.20
C ALA B 155 5.35 15.86 16.50
N ASN B 156 4.76 15.49 17.64
CA ASN B 156 5.28 15.91 18.93
C ASN B 156 6.70 15.39 19.14
N GLY B 157 6.92 14.10 18.88
CA GLY B 157 8.23 13.52 19.04
C GLY B 157 8.99 13.38 17.73
N ASN B 158 8.57 14.15 16.72
CA ASN B 158 9.15 14.14 15.39
C ASN B 158 9.49 12.73 14.95
N ASP B 159 8.47 11.87 14.88
CA ASP B 159 8.63 10.54 14.33
C ASP B 159 8.40 10.60 12.82
N ALA B 160 9.31 10.01 12.06
CA ALA B 160 9.17 10.00 10.60
C ALA B 160 7.88 9.31 10.17
N LEU B 161 7.24 8.55 11.05
CA LEU B 161 5.95 7.95 10.75
C LEU B 161 4.87 9.00 10.53
N ARG B 162 5.08 10.24 11.01
CA ARG B 162 4.08 11.28 10.81
C ARG B 162 3.87 11.59 9.33
N ASN B 163 4.88 11.37 8.51
CA ASN B 163 4.82 11.69 7.09
C ASN B 163 4.33 10.53 6.23
N GLU B 164 3.93 9.43 6.84
CA GLU B 164 3.37 8.31 6.08
C GLU B 164 2.08 8.73 5.41
N ASP B 165 1.81 8.15 4.24
CA ASP B 165 0.63 8.53 3.48
C ASP B 165 -0.64 8.19 4.25
N ALA B 166 -1.69 8.99 4.01
CA ALA B 166 -2.96 8.78 4.70
C ALA B 166 -3.57 7.43 4.38
N ARG B 167 -3.15 6.79 3.29
CA ARG B 167 -3.62 5.46 2.94
C ARG B 167 -2.51 4.42 3.06
N SER B 168 -1.42 4.74 3.76
CA SER B 168 -0.36 3.78 4.01
C SER B 168 -0.87 2.66 4.91
N PRO B 169 -0.18 1.52 4.94
CA PRO B 169 -0.53 0.48 5.91
C PRO B 169 -0.48 0.97 7.35
N PHE B 170 0.34 1.98 7.65
CA PHE B 170 0.46 2.49 9.01
C PHE B 170 -0.80 3.25 9.43
N TYR B 171 -1.19 4.26 8.66
CA TYR B 171 -2.31 5.10 9.06
C TYR B 171 -3.65 4.38 8.89
N SER B 172 -3.72 3.42 7.98
CA SER B 172 -4.96 2.71 7.69
C SER B 172 -5.05 1.37 8.42
N ALA B 173 -4.12 1.08 9.34
CA ALA B 173 -4.12 -0.21 10.01
C ALA B 173 -5.38 -0.41 10.84
N LEU B 174 -5.83 0.63 11.53
CA LEU B 174 -7.00 0.49 12.40
C LEU B 174 -8.27 0.26 11.59
N ARG B 175 -8.53 1.15 10.62
CA ARG B 175 -9.75 1.03 9.83
C ARG B 175 -9.77 -0.22 8.96
N ASN B 176 -8.62 -0.82 8.69
CA ASN B 176 -8.54 -2.06 7.92
C ASN B 176 -8.67 -3.31 8.78
N THR B 177 -8.73 -3.15 10.10
CA THR B 177 -8.96 -4.29 10.98
C THR B 177 -10.43 -4.67 10.96
N PRO B 178 -10.77 -5.90 10.57
CA PRO B 178 -12.20 -6.27 10.50
C PRO B 178 -12.92 -6.17 11.82
N SER B 179 -12.27 -6.57 12.92
CA SER B 179 -12.90 -6.48 14.24
C SER B 179 -13.13 -5.04 14.68
N PHE B 180 -12.46 -4.08 14.04
CA PHE B 180 -12.71 -2.68 14.37
C PHE B 180 -14.06 -2.22 13.85
N LYS B 181 -14.39 -2.60 12.61
CA LYS B 181 -15.69 -2.25 12.03
C LYS B 181 -16.80 -3.19 12.45
N GLU B 182 -16.46 -4.36 12.98
CA GLU B 182 -17.48 -5.33 13.36
C GLU B 182 -18.40 -4.77 14.43
N ARG B 183 -19.67 -5.17 14.38
CA ARG B 183 -20.67 -4.64 15.28
C ARG B 183 -20.30 -4.89 16.75
N ASN B 184 -19.94 -6.13 17.07
CA ASN B 184 -19.60 -6.50 18.44
C ASN B 184 -18.10 -6.47 18.72
N GLY B 185 -17.31 -5.96 17.78
CA GLY B 185 -15.90 -5.73 18.03
C GLY B 185 -15.64 -4.30 18.43
N GLY B 186 -15.02 -3.52 17.54
CA GLY B 186 -14.79 -2.12 17.82
C GLY B 186 -15.98 -1.24 17.50
N ASN B 187 -16.80 -1.64 16.54
CA ASN B 187 -17.99 -0.89 16.12
C ASN B 187 -17.63 0.56 15.77
N HIS B 188 -16.54 0.70 15.00
CA HIS B 188 -16.03 1.99 14.53
C HIS B 188 -15.67 2.92 15.69
N ASP B 189 -15.46 2.37 16.89
CA ASP B 189 -15.05 3.14 18.05
C ASP B 189 -13.60 2.80 18.39
N PRO B 190 -12.64 3.68 18.12
CA PRO B 190 -11.25 3.35 18.40
C PRO B 190 -10.95 3.07 19.87
N SER B 191 -11.74 3.65 20.79
CA SER B 191 -11.45 3.53 22.21
C SER B 191 -11.70 2.13 22.73
N ARG B 192 -12.43 1.29 22.00
CA ARG B 192 -12.67 -0.09 22.38
C ARG B 192 -11.75 -1.06 21.64
N MET B 193 -10.67 -0.55 21.03
CA MET B 193 -9.67 -1.37 20.37
C MET B 193 -8.36 -1.30 21.15
N LYS B 194 -7.41 -2.12 20.73
CA LYS B 194 -6.14 -2.25 21.45
C LYS B 194 -5.07 -2.76 20.50
N ALA B 195 -3.94 -2.08 20.47
CA ALA B 195 -2.83 -2.49 19.61
C ALA B 195 -2.15 -3.73 20.17
N VAL B 196 -1.88 -4.70 19.30
CA VAL B 196 -1.20 -5.93 19.68
C VAL B 196 -0.10 -6.22 18.68
N ILE B 197 0.86 -7.04 19.11
CA ILE B 197 2.08 -7.31 18.36
C ILE B 197 2.27 -8.81 18.23
N TYR B 198 2.57 -9.27 17.01
CA TYR B 198 3.09 -10.60 16.77
C TYR B 198 4.27 -10.47 15.81
N SER B 199 5.03 -11.55 15.67
CA SER B 199 6.24 -11.55 14.86
C SER B 199 6.15 -12.65 13.80
N LYS B 200 6.83 -12.40 12.68
CA LYS B 200 6.92 -13.38 11.60
C LYS B 200 8.38 -13.56 11.21
N HIS B 201 8.83 -14.81 11.21
CA HIS B 201 10.12 -15.20 10.65
C HIS B 201 9.88 -15.79 9.26
N PHE B 202 10.65 -15.33 8.27
CA PHE B 202 10.44 -15.74 6.90
C PHE B 202 11.75 -15.66 6.14
N TRP B 203 11.69 -15.95 4.85
CA TRP B 203 12.86 -16.00 3.98
C TRP B 203 12.87 -14.79 3.05
N SER B 204 14.08 -14.29 2.77
CA SER B 204 14.21 -13.06 1.99
C SER B 204 14.14 -13.30 0.48
N GLY B 205 14.61 -14.45 0.01
CA GLY B 205 14.63 -14.72 -1.42
C GLY B 205 13.34 -15.30 -1.94
N GLN B 206 12.34 -14.45 -2.19
CA GLN B 206 11.01 -14.90 -2.58
C GLN B 206 10.62 -14.45 -3.98
N ASP B 207 11.59 -14.16 -4.84
CA ASP B 207 11.32 -13.81 -6.24
C ASP B 207 11.55 -15.06 -7.08
N ARG B 208 10.47 -15.62 -7.62
CA ARG B 208 10.57 -16.85 -8.40
C ARG B 208 11.39 -16.67 -9.67
N SER B 209 11.49 -15.45 -10.18
CA SER B 209 12.29 -15.16 -11.37
C SER B 209 13.70 -14.70 -11.03
N SER B 210 14.08 -14.71 -9.76
CA SER B 210 15.42 -14.28 -9.37
C SER B 210 16.43 -15.39 -9.68
N SER B 211 17.70 -15.11 -9.39
CA SER B 211 18.73 -16.12 -9.56
C SER B 211 18.61 -17.19 -8.47
N ALA B 212 19.22 -18.34 -8.74
CA ALA B 212 19.16 -19.45 -7.79
C ALA B 212 19.91 -19.12 -6.51
N ASP B 213 20.94 -18.27 -6.60
CA ASP B 213 21.73 -17.92 -5.42
C ASP B 213 20.87 -17.22 -4.38
N LYS B 214 20.03 -16.28 -4.80
CA LYS B 214 19.19 -15.56 -3.85
C LYS B 214 18.09 -16.45 -3.28
N ARG B 215 17.61 -17.41 -4.07
CA ARG B 215 16.61 -18.35 -3.54
C ARG B 215 17.22 -19.29 -2.52
N LYS B 216 18.50 -19.62 -2.66
CA LYS B 216 19.16 -20.56 -1.76
C LYS B 216 19.98 -19.88 -0.67
N TYR B 217 20.41 -18.64 -0.88
CA TYR B 217 21.27 -17.96 0.10
C TYR B 217 20.75 -16.59 0.53
N GLY B 218 19.69 -16.07 -0.07
CA GLY B 218 19.05 -14.87 0.40
C GLY B 218 19.30 -13.68 -0.52
N ASP B 219 18.42 -12.70 -0.40
CA ASP B 219 18.56 -11.42 -1.10
C ASP B 219 18.89 -10.34 -0.08
N PRO B 220 20.09 -9.77 -0.11
CA PRO B 220 20.44 -8.77 0.91
C PRO B 220 19.59 -7.51 0.86
N ASP B 221 19.10 -7.13 -0.32
CA ASP B 221 18.32 -5.91 -0.47
C ASP B 221 16.82 -6.12 -0.25
N ALA B 222 16.40 -7.33 0.09
CA ALA B 222 14.98 -7.63 0.25
C ALA B 222 14.57 -7.48 1.71
N PHE B 223 13.42 -6.86 1.92
CA PHE B 223 12.79 -6.74 3.24
C PHE B 223 13.69 -6.00 4.24
N ARG B 224 14.35 -4.96 3.75
CA ARG B 224 15.08 -4.07 4.64
C ARG B 224 14.16 -2.98 5.16
N PRO B 225 14.27 -2.61 6.44
CA PRO B 225 13.39 -1.57 6.98
C PRO B 225 13.74 -0.20 6.44
N ALA B 226 12.71 0.61 6.20
CA ALA B 226 12.91 1.94 5.64
C ALA B 226 13.61 2.83 6.67
N PRO B 227 14.49 3.72 6.22
CA PRO B 227 15.17 4.61 7.15
C PRO B 227 14.19 5.57 7.82
N GLY B 228 14.46 5.88 9.07
CA GLY B 228 13.59 6.78 9.84
C GLY B 228 12.37 6.15 10.48
N THR B 229 11.61 5.36 9.72
CA THR B 229 10.39 4.75 10.24
C THR B 229 10.59 3.33 10.74
N GLY B 230 11.49 2.56 10.13
CA GLY B 230 11.63 1.16 10.45
C GLY B 230 10.62 0.26 9.79
N LEU B 231 9.78 0.80 8.90
CA LEU B 231 8.75 0.01 8.26
C LEU B 231 9.36 -0.97 7.27
N VAL B 232 8.79 -2.17 7.20
CA VAL B 232 9.18 -3.20 6.24
C VAL B 232 8.01 -3.42 5.28
N ASP B 233 8.30 -3.42 3.98
CA ASP B 233 7.29 -3.62 2.95
C ASP B 233 7.10 -5.12 2.77
N MET B 234 6.03 -5.65 3.36
CA MET B 234 5.73 -7.08 3.30
C MET B 234 4.91 -7.46 2.07
N SER B 235 4.67 -6.53 1.15
CA SER B 235 3.89 -6.84 -0.04
C SER B 235 4.60 -7.87 -0.92
N ARG B 236 5.93 -7.93 -0.85
CA ARG B 236 6.69 -8.90 -1.63
C ARG B 236 6.76 -10.27 -0.98
N ASP B 237 6.25 -10.42 0.25
CA ASP B 237 6.28 -11.71 0.94
C ASP B 237 5.12 -12.56 0.45
N ARG B 238 5.43 -13.67 -0.23
CA ARG B 238 4.42 -14.57 -0.77
C ARG B 238 4.53 -15.97 -0.16
N ASN B 239 5.03 -16.05 1.07
CA ASN B 239 5.13 -17.31 1.81
C ASN B 239 6.00 -18.34 1.11
N ILE B 240 6.96 -17.88 0.32
CA ILE B 240 7.84 -18.80 -0.41
C ILE B 240 8.98 -19.23 0.52
N PRO B 241 9.27 -20.52 0.62
CA PRO B 241 10.32 -20.97 1.53
C PRO B 241 11.71 -20.82 0.92
N ARG B 242 12.71 -20.92 1.79
CA ARG B 242 14.09 -21.00 1.34
C ARG B 242 14.27 -22.22 0.45
N SER B 243 14.99 -22.03 -0.66
CA SER B 243 15.21 -23.14 -1.57
C SER B 243 16.29 -24.08 -1.02
N PRO B 244 16.16 -25.37 -1.28
CA PRO B 244 17.16 -26.33 -0.79
C PRO B 244 18.53 -26.06 -1.40
N THR B 245 19.57 -26.31 -0.60
CA THR B 245 20.94 -26.20 -1.06
C THR B 245 21.50 -27.52 -1.56
N SER B 246 20.87 -28.63 -1.20
CA SER B 246 21.27 -29.95 -1.65
C SER B 246 20.03 -30.83 -1.67
N PRO B 247 20.02 -31.89 -2.48
CA PRO B 247 18.83 -32.74 -2.57
C PRO B 247 18.44 -33.30 -1.21
N GLY B 248 17.13 -33.30 -0.94
CA GLY B 248 16.60 -33.80 0.30
C GLY B 248 16.50 -32.78 1.41
N GLU B 249 17.18 -31.64 1.29
CA GLU B 249 17.12 -30.62 2.32
C GLU B 249 15.79 -29.88 2.25
N GLY B 250 15.09 -29.81 3.39
CA GLY B 250 13.81 -29.15 3.45
C GLY B 250 13.83 -27.98 4.42
N PHE B 251 13.04 -26.95 4.09
CA PHE B 251 12.86 -25.79 4.94
C PHE B 251 11.38 -25.47 5.04
N VAL B 252 10.98 -24.93 6.18
CA VAL B 252 9.62 -24.43 6.35
C VAL B 252 9.59 -22.98 5.89
N ASN B 253 8.43 -22.54 5.41
CA ASN B 253 8.38 -21.23 4.75
C ASN B 253 8.34 -20.08 5.74
N PHE B 254 7.67 -20.25 6.88
CA PHE B 254 7.58 -19.15 7.84
C PHE B 254 7.37 -19.68 9.25
N ASP B 255 7.41 -18.77 10.21
CA ASP B 255 7.11 -19.03 11.60
C ASP B 255 6.43 -17.80 12.19
N TYR B 256 5.40 -18.03 13.00
CA TYR B 256 4.59 -16.96 13.59
C TYR B 256 4.63 -17.07 15.11
N GLY B 257 5.05 -15.98 15.76
CA GLY B 257 5.07 -15.94 17.22
C GLY B 257 4.23 -14.80 17.77
N TRP B 258 3.32 -15.12 18.69
CA TRP B 258 2.35 -14.15 19.21
C TRP B 258 2.86 -13.56 20.51
N PHE B 259 2.94 -12.22 20.56
CA PHE B 259 3.32 -11.49 21.76
C PHE B 259 2.10 -10.95 22.51
N GLY B 260 1.22 -10.26 21.81
CA GLY B 260 0.04 -9.67 22.44
C GLY B 260 0.32 -8.24 22.89
N ALA B 261 0.22 -8.00 24.20
CA ALA B 261 0.47 -6.69 24.78
C ALA B 261 0.91 -6.86 26.23
N GLN B 262 2.03 -7.54 26.43
CA GLN B 262 2.57 -7.73 27.77
C GLN B 262 3.18 -6.42 28.27
N THR B 263 2.96 -6.14 29.55
CA THR B 263 3.48 -4.93 30.17
C THR B 263 4.90 -5.09 30.70
N GLU B 264 5.43 -6.32 30.71
CA GLU B 264 6.79 -6.54 31.18
C GLU B 264 7.77 -5.67 30.42
N ALA B 265 8.61 -4.95 31.17
CA ALA B 265 9.53 -3.99 30.57
C ALA B 265 10.79 -4.66 30.03
N ASP B 266 11.26 -5.72 30.69
CA ASP B 266 12.42 -6.47 30.20
C ASP B 266 11.97 -7.32 29.02
N ALA B 267 12.44 -6.97 27.83
CA ALA B 267 12.02 -7.69 26.63
C ALA B 267 12.40 -9.16 26.69
N ASP B 268 13.57 -9.47 27.25
CA ASP B 268 14.01 -10.86 27.34
C ASP B 268 13.09 -11.70 28.22
N LYS B 269 12.25 -11.08 29.04
CA LYS B 269 11.30 -11.80 29.88
C LYS B 269 9.93 -11.95 29.24
N THR B 270 9.73 -11.39 28.05
CA THR B 270 8.45 -11.50 27.37
C THR B 270 8.29 -12.89 26.76
N VAL B 271 7.05 -13.36 26.69
CA VAL B 271 6.72 -14.71 26.26
C VAL B 271 6.09 -14.64 24.87
N TRP B 272 6.53 -15.54 24.00
CA TRP B 272 6.05 -15.63 22.63
C TRP B 272 5.49 -17.03 22.39
N THR B 273 4.29 -17.10 21.82
CA THR B 273 3.57 -18.34 21.65
C THR B 273 3.54 -18.73 20.17
N HIS B 274 3.85 -19.99 19.89
CA HIS B 274 3.92 -20.46 18.52
C HIS B 274 3.77 -21.98 18.50
N GLY B 275 3.44 -22.51 17.33
CA GLY B 275 3.31 -23.94 17.14
C GLY B 275 4.35 -24.50 16.19
N ASN B 276 4.52 -25.82 16.18
CA ASN B 276 5.53 -26.44 15.33
C ASN B 276 5.02 -26.78 13.94
N HIS B 277 3.76 -27.19 13.82
CA HIS B 277 3.17 -27.59 12.55
C HIS B 277 1.68 -27.81 12.76
N TYR B 278 0.99 -28.10 11.66
CA TYR B 278 -0.45 -28.33 11.73
C TYR B 278 -0.74 -29.64 12.47
N HIS B 279 -2.00 -29.79 12.86
CA HIS B 279 -2.42 -30.89 13.73
C HIS B 279 -2.73 -32.12 12.90
N ALA B 280 -1.91 -33.16 13.05
CA ALA B 280 -2.11 -34.44 12.37
C ALA B 280 -1.77 -35.57 13.33
N PRO B 281 -2.65 -35.83 14.31
CA PRO B 281 -2.34 -36.87 15.30
C PRO B 281 -2.34 -38.28 14.74
N ASN B 282 -2.95 -38.49 13.57
CA ASN B 282 -2.94 -39.79 12.91
C ASN B 282 -2.03 -39.82 11.69
N GLY B 283 -1.41 -38.70 11.34
CA GLY B 283 -0.57 -38.64 10.15
C GLY B 283 0.89 -38.94 10.41
N SER B 284 1.78 -38.23 9.72
CA SER B 284 3.22 -38.43 9.84
C SER B 284 3.89 -37.41 10.75
N LEU B 285 3.42 -36.16 10.74
CA LEU B 285 4.04 -35.13 11.55
C LEU B 285 3.71 -35.30 13.04
N GLY B 286 2.57 -35.89 13.36
CA GLY B 286 2.12 -35.99 14.73
C GLY B 286 1.20 -34.86 15.12
N ALA B 287 0.80 -34.87 16.38
CA ALA B 287 -0.08 -33.84 16.89
C ALA B 287 0.63 -32.50 16.96
N MET B 288 -0.14 -31.42 16.75
CA MET B 288 0.42 -30.08 16.85
C MET B 288 0.75 -29.75 18.29
N HIS B 289 1.94 -29.19 18.52
CA HIS B 289 2.36 -28.75 19.84
C HIS B 289 2.54 -27.24 19.84
N VAL B 290 2.14 -26.60 20.93
CA VAL B 290 2.24 -25.16 21.07
C VAL B 290 3.41 -24.83 21.97
N TYR B 291 4.30 -23.95 21.51
CA TYR B 291 5.47 -23.54 22.27
C TYR B 291 5.23 -22.18 22.91
N GLU B 292 5.78 -22.00 24.11
CA GLU B 292 5.80 -20.71 24.79
C GLU B 292 7.26 -20.41 25.11
N SER B 293 7.87 -19.51 24.34
CA SER B 293 9.29 -19.22 24.43
C SER B 293 9.51 -17.80 24.93
N LYS B 294 10.52 -17.63 25.77
CA LYS B 294 11.01 -16.29 26.08
C LYS B 294 11.60 -15.67 24.81
N PHE B 295 11.73 -14.34 24.83
CA PHE B 295 11.99 -13.61 23.60
C PHE B 295 13.27 -14.07 22.92
N ARG B 296 14.34 -14.31 23.70
CA ARG B 296 15.60 -14.72 23.09
C ARG B 296 15.50 -16.11 22.46
N ASN B 297 14.69 -16.99 23.03
CA ASN B 297 14.46 -18.30 22.41
C ASN B 297 13.72 -18.14 21.08
N TRP B 298 12.74 -17.25 21.03
CA TRP B 298 12.02 -17.02 19.78
C TRP B 298 12.91 -16.35 18.75
N SER B 299 13.61 -15.28 19.14
CA SER B 299 14.40 -14.50 18.21
C SER B 299 15.63 -15.24 17.70
N GLU B 300 15.97 -16.39 18.29
CA GLU B 300 17.09 -17.19 17.78
C GLU B 300 16.78 -17.71 16.39
N GLY B 301 15.53 -18.05 16.12
CA GLY B 301 15.09 -18.48 14.81
C GLY B 301 15.78 -19.75 14.33
N TYR B 302 15.79 -19.89 13.00
CA TYR B 302 16.36 -21.06 12.37
C TYR B 302 17.01 -20.65 11.05
N SER B 303 17.80 -21.57 10.49
CA SER B 303 18.39 -21.34 9.18
C SER B 303 17.34 -21.26 8.08
N ASP B 304 16.11 -21.69 8.36
CA ASP B 304 15.04 -21.55 7.37
C ASP B 304 14.70 -20.09 7.12
N PHE B 305 14.90 -19.22 8.10
CA PHE B 305 14.52 -17.82 8.02
C PHE B 305 15.74 -16.93 8.18
N ASP B 306 15.83 -15.91 7.32
CA ASP B 306 16.85 -14.87 7.45
C ASP B 306 16.24 -13.49 7.62
N ARG B 307 14.94 -13.41 7.87
CA ARG B 307 14.24 -12.14 8.04
C ARG B 307 13.31 -12.23 9.23
N GLY B 308 13.15 -11.10 9.91
CA GLY B 308 12.22 -11.00 11.02
C GLY B 308 11.44 -9.71 11.01
N ALA B 309 10.12 -9.81 11.04
CA ALA B 309 9.24 -8.63 11.05
C ALA B 309 8.37 -8.67 12.29
N TYR B 310 8.15 -7.49 12.88
CA TYR B 310 7.33 -7.36 14.07
C TYR B 310 6.10 -6.54 13.69
N VAL B 311 4.93 -7.19 13.70
CA VAL B 311 3.71 -6.70 13.09
C VAL B 311 2.80 -6.11 14.16
N ILE B 312 2.11 -5.02 13.83
CA ILE B 312 1.13 -4.40 14.70
C ILE B 312 -0.25 -4.53 14.06
N THR B 313 -1.19 -5.10 14.81
CA THR B 313 -2.59 -5.05 14.43
C THR B 313 -3.43 -4.66 15.64
N PHE B 314 -4.75 -4.78 15.54
CA PHE B 314 -5.64 -4.36 16.62
C PHE B 314 -6.64 -5.46 16.95
N ILE B 315 -7.06 -5.47 18.22
CA ILE B 315 -8.14 -6.34 18.69
C ILE B 315 -9.03 -5.53 19.62
N PRO B 316 -10.28 -5.97 19.80
CA PRO B 316 -11.16 -5.29 20.75
C PRO B 316 -10.66 -5.42 22.18
N LYS B 317 -10.87 -4.35 22.97
CA LYS B 317 -10.50 -4.37 24.38
C LYS B 317 -11.23 -5.47 25.14
N SER B 318 -12.42 -5.86 24.67
CA SER B 318 -13.23 -6.86 25.35
C SER B 318 -12.64 -8.25 25.30
N TRP B 319 -11.65 -8.50 24.46
CA TRP B 319 -10.99 -9.79 24.41
C TRP B 319 -9.93 -9.89 25.51
N ASN B 320 -9.41 -11.10 25.71
CA ASN B 320 -8.34 -11.32 26.68
C ASN B 320 -7.21 -12.16 26.09
N THR B 321 -7.10 -12.20 24.75
CA THR B 321 -6.03 -12.94 24.10
C THR B 321 -4.71 -12.18 24.10
N ALA B 322 -4.66 -10.99 24.68
CA ALA B 322 -3.42 -10.21 24.81
C ALA B 322 -3.35 -9.58 26.19
N PRO B 323 -3.26 -10.41 27.24
CA PRO B 323 -3.29 -9.88 28.60
C PRO B 323 -1.97 -9.22 28.98
N ASP B 324 -2.00 -8.50 30.11
CA ASP B 324 -0.82 -7.79 30.57
C ASP B 324 0.32 -8.75 30.91
N LYS B 325 0.00 -9.94 31.39
CA LYS B 325 1.00 -10.90 31.82
C LYS B 325 0.73 -12.25 31.17
N VAL B 326 1.80 -12.88 30.66
CA VAL B 326 1.74 -14.22 30.10
C VAL B 326 2.74 -15.09 30.85
N LYS B 327 2.29 -16.26 31.29
CA LYS B 327 3.12 -17.19 32.04
C LYS B 327 3.29 -18.47 31.24
N GLN B 328 4.53 -18.94 31.14
CA GLN B 328 4.79 -20.22 30.48
C GLN B 328 4.29 -21.38 31.33
N GLY B 329 3.83 -22.43 30.64
CA GLY B 329 3.44 -23.64 31.34
C GLY B 329 2.14 -23.51 32.10
N TRP B 330 1.94 -24.47 33.01
CA TRP B 330 0.74 -24.53 33.83
C TRP B 330 1.06 -25.37 35.06
N PRO B 331 0.59 -24.99 36.26
CA PRO B 331 -0.15 -23.74 36.51
C PRO B 331 0.75 -22.50 36.53
N ASP C 1 -2.08 24.60 4.70
CA ASP C 1 -1.44 23.44 4.09
C ASP C 1 -0.67 23.84 2.84
N ILE C 2 -0.34 22.85 2.02
CA ILE C 2 0.26 23.10 0.71
C ILE C 2 -0.84 23.64 -0.20
N PRO C 3 -0.69 24.86 -0.72
CA PRO C 3 -1.78 25.44 -1.52
C PRO C 3 -1.88 24.79 -2.89
N ILE C 4 -3.12 24.51 -3.30
CA ILE C 4 -3.41 24.05 -4.66
C ILE C 4 -4.27 25.11 -5.34
N GLY C 5 -4.27 25.06 -6.66
CA GLY C 5 -4.91 26.10 -7.45
C GLY C 5 -3.90 26.69 -8.41
N LYS C 7 -1.10 28.39 -8.07
CA LYS C 7 -0.40 29.66 -7.87
C LYS C 7 1.03 29.34 -7.49
N MET C 8 1.98 29.90 -8.23
CA MET C 8 3.39 29.61 -8.04
C MET C 8 3.99 30.40 -6.89
N ASP D 1 -1.39 -24.14 -4.77
CA ASP D 1 -1.43 -23.84 -3.34
C ASP D 1 -0.12 -24.24 -2.68
N ILE D 2 0.55 -23.28 -2.04
CA ILE D 2 1.75 -23.62 -1.27
C ILE D 2 1.29 -24.02 0.14
N PRO D 3 1.69 -25.20 0.64
CA PRO D 3 1.21 -25.65 1.95
C PRO D 3 1.73 -24.77 3.07
N ILE D 4 0.90 -24.63 4.12
CA ILE D 4 1.21 -23.72 5.21
C ILE D 4 1.18 -24.44 6.55
N GLY D 5 1.20 -25.77 6.52
CA GLY D 5 1.22 -26.56 7.73
C GLY D 5 2.62 -26.72 8.30
N LYS D 7 5.17 -28.04 7.02
CA LYS D 7 5.84 -29.29 6.69
C LYS D 7 6.98 -28.94 5.74
N MET D 8 8.17 -29.44 6.03
CA MET D 8 9.36 -29.10 5.26
C MET D 8 9.41 -29.90 3.96
N THR D 9 8.26 -30.39 3.51
CA THR D 9 8.17 -31.19 2.30
C THR D 9 6.96 -30.79 1.46
#